data_4D39
#
_entry.id   4D39
#
_cell.length_a   57.756
_cell.length_b   106.122
_cell.length_c   156.308
_cell.angle_alpha   90.00
_cell.angle_beta   90.00
_cell.angle_gamma   90.00
#
_symmetry.space_group_name_H-M   'P 21 21 21'
#
loop_
_entity.id
_entity.type
_entity.pdbx_description
1 polymer 'NITRIC OXIDE SYNTHASE, ENDOTHELIAL'
2 non-polymer 'PROTOPORPHYRIN IX CONTAINING FE'
3 non-polymer 5,6,7,8-TETRAHYDROBIOPTERIN
4 non-polymer 3-[({2-[2-(1H-imidazol-1-yl)pyrimidin-4-yl]ethyl}amino)methyl]benzonitrile
5 non-polymer 'ACETATE ION'
6 non-polymer D-MANNITOL
7 non-polymer GLYCEROL
8 non-polymer 'ZINC ION'
9 water water
#
_entity_poly.entity_id   1
_entity_poly.type   'polypeptide(L)'
_entity_poly.pdbx_seq_one_letter_code
;RAPAPATPHAPDHSPAPNSPTLTRPPEGPKFPRVKNWELGSITYDTLCAQSQQDGPCTPRRCLGSLVLPRKLQTRPSPGP
PPAEQLLSQARDFINQYYSSIKRSGSQAHEERLQEVEAEVASTGTYHLRESELVFGAKQAWRNAPRCVGRIQWGKLQVFD
ARDCSSAQEMFTYICNHIKYATNRGNLRSAITVFPQRAPGRGDFRIWNSQLVRYAGYRQQDGSVRGDPANVEITELCIQH
GWTPGNGRFDVLPLLLQAPDEAPELFVLPPELVLEVPLEHPTLEWFAALGLRWYALPAVSNMLLEIGGLEFSAAPFSGWY
MSTEIGTRNLCDPHRYNILEDVAV(CAS)MDLDTRTTSSLWKDKAAVEINLAVLHSFQLAKVTIVDHHAATVSFMKHLDN
EQKARGGCPADWAWIVPPISGSLTPVFHQEMVNYILSPAFRYQPDPW
;
_entity_poly.pdbx_strand_id   A,B
#
loop_
_chem_comp.id
_chem_comp.type
_chem_comp.name
_chem_comp.formula
ACT non-polymer 'ACETATE ION' 'C2 H3 O2 -1'
GOL non-polymer GLYCEROL 'C3 H8 O3'
H4B non-polymer 5,6,7,8-TETRAHYDROBIOPTERIN 'C9 H15 N5 O3'
HEM non-polymer 'PROTOPORPHYRIN IX CONTAINING FE' 'C34 H32 Fe N4 O4'
MTL non-polymer D-MANNITOL 'C6 H14 O6'
OLW non-polymer 3-[({2-[2-(1H-imidazol-1-yl)pyrimidin-4-yl]ethyl}amino)methyl]benzonitrile 'C17 H16 N6'
ZN non-polymer 'ZINC ION' 'Zn 2'
#
# COMPACT_ATOMS: atom_id res chain seq x y z
N GLY A 28 -18.42 9.67 18.37
CA GLY A 28 -17.19 10.41 18.12
C GLY A 28 -17.39 11.58 17.17
N PRO A 29 -16.32 12.33 16.90
CA PRO A 29 -16.32 13.48 15.99
C PRO A 29 -16.62 13.17 14.51
N LYS A 30 -17.08 14.19 13.78
CA LYS A 30 -17.41 14.07 12.36
C LYS A 30 -16.17 14.21 11.47
N PHE A 31 -15.13 13.45 11.78
CA PHE A 31 -13.89 13.50 11.02
C PHE A 31 -13.40 12.07 10.88
N PRO A 32 -12.56 11.79 9.88
CA PRO A 32 -12.08 10.41 9.72
C PRO A 32 -11.36 9.94 10.98
N ARG A 33 -11.74 8.78 11.51
CA ARG A 33 -11.02 8.16 12.60
C ARG A 33 -9.86 7.36 12.03
N VAL A 34 -8.67 7.61 12.56
CA VAL A 34 -7.44 7.03 12.04
C VAL A 34 -6.80 6.15 13.11
N LYS A 35 -6.55 4.88 12.79
CA LYS A 35 -6.04 3.93 13.78
C LYS A 35 -4.64 3.41 13.47
N ASN A 36 -3.83 3.24 14.52
CA ASN A 36 -2.57 2.49 14.38
C ASN A 36 -2.80 1.10 14.97
N TRP A 37 -2.59 0.06 14.18
CA TRP A 37 -2.96 -1.29 14.60
C TRP A 37 -1.87 -1.98 15.41
N GLU A 38 -0.67 -1.41 15.41
CA GLU A 38 0.42 -1.95 16.20
C GLU A 38 0.20 -1.51 17.65
N LEU A 39 -0.08 -0.22 17.82
CA LEU A 39 -0.16 0.43 19.13
C LEU A 39 -1.57 0.52 19.68
N GLY A 40 -2.57 0.44 18.80
CA GLY A 40 -3.95 0.56 19.22
C GLY A 40 -4.42 1.99 19.40
N SER A 41 -3.58 2.96 19.05
CA SER A 41 -3.93 4.37 19.22
C SER A 41 -4.77 4.96 18.07
N ILE A 42 -5.60 5.92 18.45
CA ILE A 42 -6.62 6.52 17.59
C ILE A 42 -6.42 8.02 17.51
N THR A 43 -6.37 8.56 16.28
CA THR A 43 -6.50 10.00 16.08
C THR A 43 -7.66 10.27 15.12
N TYR A 44 -8.03 11.54 15.02
CA TYR A 44 -9.01 12.02 14.05
C TYR A 44 -8.35 13.07 13.18
N ASP A 45 -8.56 13.00 11.88
CA ASP A 45 -7.98 14.00 11.01
C ASP A 45 -9.00 15.12 10.82
N THR A 46 -8.68 16.32 11.31
CA THR A 46 -9.53 17.49 11.10
C THR A 46 -8.95 18.38 10.02
N LEU A 47 -7.69 18.15 9.70
CA LEU A 47 -7.00 18.98 8.71
C LEU A 47 -7.60 18.82 7.30
N CYS A 48 -8.15 17.65 7.02
CA CYS A 48 -8.69 17.37 5.68
C CYS A 48 -9.83 18.35 5.34
N ALA A 49 -10.43 18.93 6.37
CA ALA A 49 -11.46 19.95 6.20
C ALA A 49 -10.96 21.20 5.48
N GLN A 50 -9.64 21.41 5.48
CA GLN A 50 -9.04 22.58 4.84
C GLN A 50 -8.77 22.37 3.35
N SER A 51 -8.97 21.12 2.90
CA SER A 51 -8.73 20.76 1.51
C SER A 51 -9.72 21.44 0.57
N GLN A 52 -9.22 22.15 -0.43
CA GLN A 52 -10.09 22.79 -1.40
C GLN A 52 -9.83 22.29 -2.82
N GLN A 53 -9.52 20.99 -2.93
CA GLN A 53 -9.23 20.39 -4.22
C GLN A 53 -9.50 18.89 -4.21
N ASP A 54 -10.37 18.44 -5.11
CA ASP A 54 -10.81 17.05 -5.14
C ASP A 54 -9.74 16.09 -5.64
N GLY A 55 -9.65 14.94 -4.98
CA GLY A 55 -8.85 13.83 -5.48
C GLY A 55 -9.70 12.99 -6.42
N PRO A 56 -9.22 11.77 -6.73
CA PRO A 56 -9.83 10.89 -7.74
C PRO A 56 -10.86 9.89 -7.18
N CYS A 57 -10.98 9.82 -5.86
CA CYS A 57 -11.87 8.84 -5.23
C CYS A 57 -13.31 9.33 -5.13
N THR A 58 -14.25 8.38 -5.16
CA THR A 58 -15.67 8.65 -4.92
C THR A 58 -16.21 7.58 -3.97
N PRO A 59 -17.39 7.80 -3.37
CA PRO A 59 -18.00 6.76 -2.53
C PRO A 59 -18.12 5.42 -3.24
N ARG A 60 -18.28 5.43 -4.56
CA ARG A 60 -18.50 4.21 -5.32
C ARG A 60 -17.22 3.40 -5.57
N ARG A 61 -16.07 4.07 -5.68
CA ARG A 61 -14.78 3.39 -5.88
C ARG A 61 -13.56 4.20 -5.43
N CYS A 62 -12.57 3.49 -4.90
CA CYS A 62 -11.30 4.09 -4.48
C CYS A 62 -10.25 3.93 -5.58
N LEU A 63 -9.67 5.06 -5.98
CA LEU A 63 -8.60 5.08 -6.98
C LEU A 63 -7.30 5.49 -6.32
N GLY A 64 -7.21 5.27 -5.01
CA GLY A 64 -6.08 5.73 -4.22
C GLY A 64 -4.75 5.13 -4.63
N SER A 65 -4.79 4.04 -5.40
CA SER A 65 -3.57 3.37 -5.83
C SER A 65 -3.06 3.84 -7.20
N LEU A 66 -3.82 4.69 -7.89
CA LEU A 66 -3.38 5.19 -9.20
C LEU A 66 -2.24 6.21 -9.06
N VAL A 67 -1.20 6.07 -9.88
CA VAL A 67 -0.03 6.95 -9.84
C VAL A 67 -0.34 8.38 -10.29
N LEU A 68 -0.94 8.49 -11.47
CA LEU A 68 -1.35 9.77 -12.03
C LEU A 68 -2.83 9.67 -12.34
N PRO A 69 -3.69 10.17 -11.43
CA PRO A 69 -5.10 10.18 -11.81
C PRO A 69 -5.47 11.52 -12.47
N ARG A 70 -6.48 11.49 -13.35
CA ARG A 70 -6.91 12.69 -14.07
C ARG A 70 -7.50 13.72 -13.11
N PRO A 82 -8.55 32.76 -14.89
CA PRO A 82 -9.65 33.69 -14.58
C PRO A 82 -9.43 34.36 -13.22
N ALA A 83 -9.53 35.68 -13.19
CA ALA A 83 -9.22 36.48 -12.00
C ALA A 83 -10.01 36.06 -10.75
N GLU A 84 -11.20 35.49 -10.97
CA GLU A 84 -12.06 35.09 -9.86
C GLU A 84 -11.49 33.88 -9.11
N GLN A 85 -11.02 32.90 -9.88
CA GLN A 85 -10.42 31.70 -9.28
C GLN A 85 -9.07 32.01 -8.65
N LEU A 86 -8.28 32.83 -9.34
CA LEU A 86 -6.95 33.24 -8.84
C LEU A 86 -7.11 33.92 -7.49
N LEU A 87 -8.04 34.88 -7.42
CA LEU A 87 -8.20 35.71 -6.24
C LEU A 87 -8.55 34.89 -4.99
N SER A 88 -9.46 33.94 -5.13
CA SER A 88 -9.87 33.11 -3.99
C SER A 88 -8.69 32.26 -3.52
N GLN A 89 -7.94 31.70 -4.47
CA GLN A 89 -6.72 30.96 -4.14
C GLN A 89 -5.68 31.88 -3.50
N ALA A 90 -5.51 33.06 -4.07
CA ALA A 90 -4.53 34.02 -3.56
C ALA A 90 -4.92 34.45 -2.15
N ARG A 91 -6.18 34.84 -1.98
CA ARG A 91 -6.69 35.22 -0.67
C ARG A 91 -6.44 34.13 0.35
N ASP A 92 -6.69 32.88 -0.05
CA ASP A 92 -6.53 31.75 0.86
C ASP A 92 -5.09 31.62 1.33
N PHE A 93 -4.16 31.69 0.39
CA PHE A 93 -2.73 31.59 0.73
C PHE A 93 -2.24 32.77 1.59
N ILE A 94 -2.69 33.98 1.27
CA ILE A 94 -2.30 35.13 2.09
C ILE A 94 -2.82 34.94 3.52
N ASN A 95 -4.04 34.42 3.66
CA ASN A 95 -4.56 34.03 4.98
C ASN A 95 -3.69 32.95 5.63
N GLN A 96 -3.25 31.97 4.86
CA GLN A 96 -2.34 30.98 5.43
C GLN A 96 -1.06 31.65 5.94
N TYR A 97 -0.55 32.61 5.15
CA TYR A 97 0.72 33.25 5.51
C TYR A 97 0.61 34.03 6.79
N TYR A 98 -0.40 34.90 6.89
CA TYR A 98 -0.59 35.69 8.09
C TYR A 98 -0.95 34.86 9.33
N SER A 99 -1.64 33.72 9.15
CA SER A 99 -1.87 32.81 10.27
C SER A 99 -0.52 32.35 10.83
N SER A 100 0.38 31.99 9.93
CA SER A 100 1.63 31.34 10.30
C SER A 100 2.55 32.32 11.04
N ILE A 101 2.42 33.61 10.73
CA ILE A 101 3.18 34.61 11.47
C ILE A 101 2.37 35.19 12.63
N LYS A 102 1.21 34.60 12.91
CA LYS A 102 0.35 35.01 14.03
C LYS A 102 -0.18 36.45 13.91
N ARG A 103 -0.50 36.88 12.70
CA ARG A 103 -0.98 38.24 12.48
C ARG A 103 -2.29 38.22 11.68
N SER A 104 -3.00 37.10 11.78
CA SER A 104 -4.29 36.94 11.13
C SER A 104 -5.28 38.01 11.61
N GLY A 105 -5.89 38.74 10.67
CA GLY A 105 -6.85 39.76 11.01
C GLY A 105 -6.26 41.13 11.28
N SER A 106 -4.95 41.24 11.11
CA SER A 106 -4.23 42.48 11.40
C SER A 106 -4.32 43.48 10.27
N GLN A 107 -3.79 44.68 10.52
CA GLN A 107 -3.77 45.74 9.52
C GLN A 107 -2.89 45.38 8.32
N ALA A 108 -1.72 44.78 8.57
CA ALA A 108 -0.83 44.37 7.49
C ALA A 108 -1.44 43.23 6.67
N HIS A 109 -2.19 42.36 7.34
CA HIS A 109 -2.92 41.27 6.69
C HIS A 109 -3.96 41.81 5.70
N GLU A 110 -4.83 42.71 6.16
CA GLU A 110 -5.84 43.30 5.31
C GLU A 110 -5.22 44.12 4.18
N GLU A 111 -4.15 44.85 4.48
CA GLU A 111 -3.42 45.61 3.46
C GLU A 111 -2.80 44.72 2.39
N ARG A 112 -2.27 43.57 2.80
CA ARG A 112 -1.69 42.65 1.81
C ARG A 112 -2.80 42.08 0.93
N LEU A 113 -3.94 41.78 1.53
CA LEU A 113 -5.08 41.29 0.78
C LEU A 113 -5.49 42.32 -0.25
N GLN A 114 -5.63 43.58 0.18
CA GLN A 114 -5.97 44.67 -0.73
C GLN A 114 -4.93 44.83 -1.84
N GLU A 115 -3.65 44.69 -1.48
CA GLU A 115 -2.56 44.86 -2.43
C GLU A 115 -2.59 43.75 -3.50
N VAL A 116 -2.89 42.52 -3.09
CA VAL A 116 -2.99 41.41 -4.04
C VAL A 116 -4.19 41.58 -4.99
N GLU A 117 -5.33 42.01 -4.44
CA GLU A 117 -6.53 42.20 -5.25
C GLU A 117 -6.33 43.30 -6.29
N ALA A 118 -5.63 44.35 -5.90
CA ALA A 118 -5.34 45.46 -6.80
C ALA A 118 -4.35 45.04 -7.90
N GLU A 119 -3.41 44.17 -7.56
CA GLU A 119 -2.46 43.69 -8.56
C GLU A 119 -3.19 42.85 -9.61
N VAL A 120 -3.99 41.91 -9.13
CA VAL A 120 -4.78 41.04 -10.01
C VAL A 120 -5.76 41.88 -10.83
N ALA A 121 -6.28 42.94 -10.21
CA ALA A 121 -7.19 43.85 -10.89
C ALA A 121 -6.57 44.55 -12.10
N SER A 122 -5.33 45.03 -11.96
CA SER A 122 -4.71 45.79 -13.05
C SER A 122 -3.85 44.92 -14.00
N THR A 123 -3.23 43.88 -13.47
CA THR A 123 -2.28 43.08 -14.25
C THR A 123 -2.80 41.69 -14.61
N GLY A 124 -3.79 41.20 -13.86
CA GLY A 124 -4.32 39.87 -14.10
C GLY A 124 -3.62 38.78 -13.32
N THR A 125 -2.48 39.12 -12.74
CA THR A 125 -1.72 38.20 -11.89
C THR A 125 -1.19 38.98 -10.69
N TYR A 126 -0.35 38.35 -9.87
CA TYR A 126 0.29 39.08 -8.77
C TYR A 126 1.62 38.44 -8.44
N HIS A 127 2.31 38.97 -7.42
CA HIS A 127 3.65 38.48 -7.08
C HIS A 127 3.81 38.28 -5.59
N LEU A 128 4.61 37.28 -5.22
CA LEU A 128 4.78 36.97 -3.81
C LEU A 128 5.94 37.78 -3.22
N ARG A 129 5.80 38.20 -1.98
CA ARG A 129 6.94 38.73 -1.26
C ARG A 129 7.86 37.56 -1.00
N GLU A 130 9.14 37.86 -0.81
CA GLU A 130 10.15 36.82 -0.59
C GLU A 130 9.78 35.83 0.54
N SER A 131 9.35 36.35 1.68
CA SER A 131 9.06 35.48 2.82
C SER A 131 7.80 34.64 2.58
N GLU A 132 6.85 35.21 1.83
CA GLU A 132 5.70 34.44 1.37
C GLU A 132 6.12 33.28 0.45
N LEU A 133 7.12 33.51 -0.40
CA LEU A 133 7.65 32.43 -1.23
C LEU A 133 8.30 31.34 -0.37
N VAL A 134 9.15 31.73 0.58
CA VAL A 134 9.75 30.77 1.49
C VAL A 134 8.68 29.98 2.24
N PHE A 135 7.71 30.69 2.82
CA PHE A 135 6.63 30.00 3.52
C PHE A 135 5.91 29.02 2.60
N GLY A 136 5.62 29.46 1.38
CA GLY A 136 4.84 28.64 0.47
C GLY A 136 5.57 27.38 0.04
N ALA A 137 6.86 27.53 -0.26
CA ALA A 137 7.65 26.37 -0.69
C ALA A 137 7.79 25.34 0.45
N LYS A 138 7.97 25.83 1.67
CA LYS A 138 8.03 24.94 2.82
C LYS A 138 6.69 24.21 3.04
N GLN A 139 5.59 24.93 2.83
CA GLN A 139 4.26 24.39 3.09
C GLN A 139 3.90 23.36 2.00
N ALA A 140 4.33 23.63 0.78
CA ALA A 140 4.12 22.68 -0.31
C ALA A 140 4.84 21.35 -0.05
N TRP A 141 6.02 21.43 0.57
CA TRP A 141 6.77 20.23 0.93
C TRP A 141 6.03 19.52 2.07
N ARG A 142 5.65 20.30 3.09
CA ARG A 142 4.90 19.79 4.22
C ARG A 142 3.64 19.10 3.72
N ASN A 143 3.01 19.69 2.70
CA ASN A 143 1.73 19.16 2.23
C ASN A 143 1.83 17.95 1.29
N ALA A 144 3.05 17.52 0.95
CA ALA A 144 3.23 16.47 -0.08
C ALA A 144 2.96 15.07 0.47
N PRO A 145 1.80 14.49 0.11
CA PRO A 145 1.40 13.20 0.71
C PRO A 145 2.39 12.07 0.45
N ARG A 146 3.19 12.16 -0.61
CA ARG A 146 3.98 11.01 -1.05
C ARG A 146 5.39 11.02 -0.55
N CYS A 147 5.77 12.09 0.15
CA CYS A 147 7.14 12.21 0.64
C CYS A 147 7.29 11.76 2.09
N VAL A 148 8.19 10.80 2.31
CA VAL A 148 8.42 10.26 3.64
C VAL A 148 9.41 11.13 4.40
N GLY A 149 10.04 12.08 3.71
CA GLY A 149 11.11 12.88 4.33
C GLY A 149 10.63 14.14 5.03
N ARG A 150 9.33 14.21 5.31
CA ARG A 150 8.74 15.48 5.73
C ARG A 150 9.06 15.95 7.15
N ILE A 151 9.67 15.09 7.98
CA ILE A 151 10.11 15.51 9.32
C ILE A 151 11.05 16.72 9.17
N GLN A 152 11.69 16.83 8.02
CA GLN A 152 12.69 17.87 7.77
C GLN A 152 12.12 19.16 7.20
N TRP A 153 10.78 19.27 7.10
CA TRP A 153 10.17 20.30 6.23
C TRP A 153 10.51 21.73 6.60
N GLY A 154 10.68 21.98 7.90
CA GLY A 154 11.02 23.31 8.37
C GLY A 154 12.43 23.72 7.99
N LYS A 155 13.27 22.76 7.56
CA LYS A 155 14.66 23.08 7.25
C LYS A 155 14.89 22.93 5.76
N LEU A 156 14.43 23.90 5.00
CA LEU A 156 14.58 23.86 3.56
C LEU A 156 15.23 25.17 3.20
N GLN A 157 16.30 25.12 2.42
CA GLN A 157 16.90 26.34 1.89
C GLN A 157 16.15 26.68 0.60
N VAL A 158 15.50 27.85 0.60
CA VAL A 158 14.75 28.29 -0.58
C VAL A 158 15.57 29.28 -1.38
N PHE A 159 15.92 28.93 -2.62
CA PHE A 159 16.63 29.88 -3.47
C PHE A 159 15.67 30.61 -4.39
N ASP A 160 15.70 31.93 -4.29
CA ASP A 160 14.84 32.77 -5.11
C ASP A 160 15.56 33.04 -6.44
N ALA A 161 15.06 32.45 -7.52
CA ALA A 161 15.63 32.69 -8.84
C ALA A 161 14.57 33.33 -9.75
N ARG A 162 13.68 34.11 -9.16
CA ARG A 162 12.61 34.73 -9.91
C ARG A 162 13.10 35.90 -10.76
N ASP A 163 14.39 36.19 -10.68
CA ASP A 163 14.97 37.23 -11.54
C ASP A 163 15.60 36.60 -12.79
N CYS A 164 15.59 35.27 -12.85
CA CYS A 164 16.24 34.56 -13.95
C CYS A 164 15.65 34.90 -15.31
N SER A 165 16.49 35.18 -16.31
CA SER A 165 15.96 35.63 -17.60
C SER A 165 16.53 34.91 -18.81
N SER A 166 17.20 33.78 -18.61
CA SER A 166 17.74 33.06 -19.76
C SER A 166 18.02 31.64 -19.35
N ALA A 167 18.27 30.78 -20.32
CA ALA A 167 18.60 29.38 -20.06
C ALA A 167 19.98 29.27 -19.42
N GLN A 168 20.94 30.01 -19.96
CA GLN A 168 22.28 30.11 -19.39
C GLN A 168 22.20 30.45 -17.90
N GLU A 169 21.41 31.46 -17.58
CA GLU A 169 21.23 31.83 -16.17
C GLU A 169 20.56 30.71 -15.36
N MET A 170 19.62 29.98 -15.95
CA MET A 170 19.03 28.84 -15.24
C MET A 170 20.11 27.81 -14.91
N PHE A 171 21.05 27.64 -15.83
CA PHE A 171 22.12 26.69 -15.63
C PHE A 171 22.95 27.07 -14.42
N THR A 172 23.39 28.32 -14.38
CA THR A 172 24.14 28.86 -13.25
C THR A 172 23.40 28.61 -11.93
N TYR A 173 22.14 29.02 -11.88
CA TYR A 173 21.32 28.76 -10.69
C TYR A 173 21.28 27.26 -10.34
N ILE A 174 21.12 26.40 -11.34
CA ILE A 174 21.06 24.96 -11.06
C ILE A 174 22.41 24.41 -10.52
N CYS A 175 23.50 24.79 -11.18
CA CYS A 175 24.83 24.41 -10.67
C CYS A 175 25.02 24.87 -9.23
N ASN A 176 24.66 26.11 -8.95
CA ASN A 176 24.71 26.63 -7.58
C ASN A 176 23.88 25.81 -6.60
N HIS A 177 22.66 25.46 -6.99
CA HIS A 177 21.81 24.56 -6.21
C HIS A 177 22.54 23.25 -5.93
N ILE A 178 23.06 22.61 -6.99
CA ILE A 178 23.73 21.32 -6.86
C ILE A 178 24.95 21.39 -5.93
N LYS A 179 25.77 22.43 -6.08
CA LYS A 179 26.91 22.63 -5.18
C LYS A 179 26.46 22.83 -3.72
N TYR A 180 25.54 23.77 -3.51
CA TYR A 180 25.02 24.01 -2.17
C TYR A 180 24.37 22.74 -1.59
N ALA A 181 23.48 22.11 -2.34
CA ALA A 181 22.74 20.96 -1.80
C ALA A 181 23.62 19.73 -1.55
N THR A 182 24.60 19.50 -2.41
CA THR A 182 25.50 18.34 -2.27
C THR A 182 26.47 18.49 -1.09
N ASN A 183 27.08 19.67 -0.98
CA ASN A 183 27.90 19.99 0.17
C ASN A 183 28.93 18.90 0.45
N ARG A 184 29.59 18.44 -0.61
CA ARG A 184 30.60 17.38 -0.51
C ARG A 184 30.12 16.11 0.22
N GLY A 185 28.84 15.77 0.10
CA GLY A 185 28.33 14.57 0.76
C GLY A 185 27.45 14.84 1.99
N ASN A 186 27.61 16.00 2.60
CA ASN A 186 26.74 16.35 3.73
C ASN A 186 25.49 17.09 3.23
N LEU A 187 24.55 16.33 2.69
CA LEU A 187 23.47 16.91 1.86
C LEU A 187 22.52 17.85 2.62
N ARG A 188 22.09 18.91 1.93
CA ARG A 188 21.15 19.87 2.51
C ARG A 188 19.94 20.03 1.59
N SER A 189 18.75 19.97 2.18
CA SER A 189 17.52 20.13 1.39
C SER A 189 17.50 21.51 0.77
N ALA A 190 17.10 21.58 -0.49
CA ALA A 190 16.98 22.89 -1.12
C ALA A 190 15.99 22.90 -2.27
N ILE A 191 15.51 24.10 -2.59
CA ILE A 191 14.70 24.27 -3.78
C ILE A 191 15.12 25.59 -4.42
N THR A 192 15.11 25.64 -5.75
CA THR A 192 15.38 26.89 -6.45
C THR A 192 14.12 27.24 -7.22
N VAL A 193 13.65 28.47 -7.07
CA VAL A 193 12.38 28.87 -7.69
C VAL A 193 12.59 29.87 -8.82
N PHE A 194 12.31 29.45 -10.05
CA PHE A 194 12.44 30.29 -11.25
C PHE A 194 11.12 31.03 -11.48
N PRO A 195 11.11 32.05 -12.39
CA PRO A 195 9.91 32.89 -12.54
C PRO A 195 8.62 32.11 -12.76
N GLN A 196 7.50 32.65 -12.26
CA GLN A 196 6.21 31.97 -12.32
C GLN A 196 5.66 31.98 -13.74
N ARG A 197 4.70 31.11 -14.02
CA ARG A 197 3.97 31.17 -15.28
C ARG A 197 3.30 32.54 -15.45
N ALA A 198 3.40 33.11 -16.65
CA ALA A 198 2.85 34.43 -16.93
C ALA A 198 1.92 34.37 -18.14
N PRO A 199 0.79 35.10 -18.08
CA PRO A 199 -0.18 35.08 -19.18
C PRO A 199 0.42 35.62 -20.46
N GLY A 200 0.29 34.88 -21.55
CA GLY A 200 0.87 35.30 -22.82
C GLY A 200 2.39 35.35 -22.80
N ARG A 201 3.00 34.39 -22.14
CA ARG A 201 4.46 34.24 -22.14
C ARG A 201 4.77 32.77 -21.89
N GLY A 202 5.82 32.26 -22.54
CA GLY A 202 6.15 30.85 -22.41
C GLY A 202 6.68 30.51 -21.04
N ASP A 203 6.57 29.24 -20.65
CA ASP A 203 7.05 28.78 -19.35
C ASP A 203 8.57 28.63 -19.29
N PHE A 204 9.12 28.83 -18.09
CA PHE A 204 10.45 28.30 -17.79
C PHE A 204 10.24 26.82 -17.54
N ARG A 205 11.00 25.97 -18.23
CA ARG A 205 10.91 24.54 -17.99
C ARG A 205 12.26 23.86 -17.95
N ILE A 206 12.43 22.95 -17.00
CA ILE A 206 13.52 21.99 -17.07
C ILE A 206 12.95 20.70 -17.67
N TRP A 207 13.45 20.30 -18.83
CA TRP A 207 12.93 19.12 -19.52
C TRP A 207 13.23 17.80 -18.81
N ASN A 208 14.38 17.73 -18.15
CA ASN A 208 14.77 16.53 -17.40
C ASN A 208 13.85 16.36 -16.20
N SER A 209 13.56 15.13 -15.82
CA SER A 209 12.74 14.85 -14.66
C SER A 209 13.55 14.93 -13.38
N GLN A 210 14.86 14.72 -13.49
CA GLN A 210 15.78 14.95 -12.35
C GLN A 210 17.01 15.74 -12.83
N LEU A 211 17.62 16.49 -11.91
CA LEU A 211 18.84 17.23 -12.25
C LEU A 211 19.94 16.24 -12.55
N VAL A 212 19.98 15.17 -11.78
CA VAL A 212 20.93 14.11 -12.06
C VAL A 212 20.18 12.83 -12.41
N ARG A 213 20.45 12.30 -13.60
CA ARG A 213 19.90 11.00 -14.01
C ARG A 213 20.77 10.38 -15.10
N TYR A 214 20.70 9.06 -15.25
CA TYR A 214 21.57 8.35 -16.20
C TYR A 214 20.88 8.12 -17.54
N ALA A 215 21.68 8.07 -18.60
CA ALA A 215 21.15 7.95 -19.95
C ALA A 215 20.63 6.52 -20.16
N GLY A 216 19.74 6.38 -21.13
CA GLY A 216 19.28 5.06 -21.53
C GLY A 216 19.40 4.99 -23.03
N TYR A 217 20.27 4.11 -23.53
CA TYR A 217 20.55 3.97 -24.95
C TYR A 217 19.88 2.75 -25.53
N ARG A 218 18.89 2.97 -26.39
CA ARG A 218 18.21 1.84 -27.02
C ARG A 218 19.16 1.09 -27.97
N GLN A 219 19.21 -0.23 -27.82
CA GLN A 219 20.15 -1.05 -28.60
C GLN A 219 19.45 -1.61 -29.84
N GLN A 220 20.23 -2.13 -30.79
CA GLN A 220 19.64 -2.69 -32.01
C GLN A 220 18.89 -3.98 -31.72
N ASP A 221 19.34 -4.71 -30.70
CA ASP A 221 18.64 -5.93 -30.28
C ASP A 221 17.34 -5.64 -29.52
N GLY A 222 17.05 -4.36 -29.30
CA GLY A 222 15.83 -3.97 -28.61
C GLY A 222 16.01 -3.71 -27.13
N SER A 223 17.13 -4.15 -26.57
CA SER A 223 17.42 -3.92 -25.15
C SER A 223 17.81 -2.47 -24.90
N VAL A 224 17.99 -2.13 -23.64
CA VAL A 224 18.44 -0.79 -23.30
C VAL A 224 19.73 -0.86 -22.50
N ARG A 225 20.73 -0.07 -22.90
CA ARG A 225 21.91 0.11 -22.07
C ARG A 225 21.71 1.38 -21.24
N GLY A 226 21.92 1.27 -19.93
CA GLY A 226 21.68 2.38 -19.03
C GLY A 226 20.33 2.23 -18.36
N ASP A 227 19.68 3.36 -18.10
CA ASP A 227 18.41 3.39 -17.39
C ASP A 227 17.23 3.49 -18.37
N PRO A 228 16.40 2.42 -18.44
CA PRO A 228 15.28 2.40 -19.38
C PRO A 228 14.27 3.50 -19.08
N ALA A 229 14.22 3.98 -17.84
CA ALA A 229 13.35 5.10 -17.48
C ALA A 229 13.64 6.34 -18.34
N ASN A 230 14.84 6.40 -18.92
CA ASN A 230 15.33 7.66 -19.47
C ASN A 230 15.54 7.62 -20.97
N VAL A 231 14.94 6.63 -21.62
CA VAL A 231 15.14 6.43 -23.05
C VAL A 231 14.71 7.67 -23.85
N GLU A 232 13.58 8.24 -23.48
CA GLU A 232 13.02 9.33 -24.27
C GLU A 232 13.82 10.62 -24.09
N ILE A 233 14.17 10.96 -22.87
CA ILE A 233 14.93 12.18 -22.60
C ILE A 233 16.34 12.05 -23.19
N THR A 234 16.88 10.85 -23.18
CA THR A 234 18.20 10.62 -23.78
C THR A 234 18.18 10.94 -25.27
N GLU A 235 17.16 10.45 -25.96
CA GLU A 235 17.00 10.71 -27.38
C GLU A 235 16.72 12.18 -27.70
N LEU A 236 15.97 12.85 -26.82
CA LEU A 236 15.75 14.29 -26.98
C LEU A 236 17.06 15.07 -26.84
N CYS A 237 17.93 14.63 -25.92
CA CYS A 237 19.20 15.31 -25.73
C CYS A 237 20.04 15.19 -27.00
N ILE A 238 20.15 13.95 -27.52
CA ILE A 238 20.88 13.69 -28.76
C ILE A 238 20.31 14.51 -29.91
N GLN A 239 18.98 14.52 -30.04
CA GLN A 239 18.32 15.29 -31.10
C GLN A 239 18.72 16.77 -31.02
N HIS A 240 19.03 17.23 -29.82
CA HIS A 240 19.38 18.63 -29.59
C HIS A 240 20.89 18.87 -29.57
N GLY A 241 21.65 17.87 -30.02
CA GLY A 241 23.07 18.07 -30.23
C GLY A 241 24.02 17.50 -29.19
N TRP A 242 23.51 16.71 -28.24
CA TRP A 242 24.38 16.05 -27.28
C TRP A 242 25.08 14.87 -27.94
N THR A 243 26.40 14.81 -27.81
CA THR A 243 27.12 13.62 -28.23
C THR A 243 27.01 12.56 -27.15
N PRO A 244 26.32 11.45 -27.46
CA PRO A 244 25.97 10.43 -26.47
C PRO A 244 27.15 9.56 -26.05
N GLY A 245 27.13 9.05 -24.83
CA GLY A 245 28.12 8.08 -24.38
C GLY A 245 27.70 6.67 -24.80
N ASN A 246 28.21 5.66 -24.10
CA ASN A 246 27.72 4.29 -24.30
C ASN A 246 27.92 3.44 -23.06
N GLY A 247 27.80 4.06 -21.90
CA GLY A 247 27.95 3.35 -20.64
C GLY A 247 26.62 3.08 -19.97
N ARG A 248 26.67 2.39 -18.83
CA ARG A 248 25.45 2.09 -18.08
C ARG A 248 25.07 3.26 -17.19
N PHE A 249 26.00 4.18 -17.00
CA PHE A 249 25.82 5.26 -16.03
C PHE A 249 26.37 6.59 -16.52
N ASP A 250 26.03 6.95 -17.76
CA ASP A 250 26.40 8.27 -18.30
C ASP A 250 25.44 9.33 -17.76
N VAL A 251 25.96 10.32 -17.04
CA VAL A 251 25.11 11.39 -16.52
C VAL A 251 24.53 12.20 -17.68
N LEU A 252 23.23 12.47 -17.66
CA LEU A 252 22.57 13.19 -18.74
C LEU A 252 22.88 14.69 -18.68
N PRO A 253 22.96 15.35 -19.85
CA PRO A 253 23.03 16.82 -19.84
C PRO A 253 21.65 17.39 -19.52
N LEU A 254 21.57 18.69 -19.22
CA LEU A 254 20.29 19.30 -18.88
C LEU A 254 19.73 19.95 -20.13
N LEU A 255 18.44 19.78 -20.36
CA LEU A 255 17.78 20.51 -21.44
C LEU A 255 16.95 21.57 -20.74
N LEU A 256 17.27 22.85 -20.99
CA LEU A 256 16.71 23.96 -20.23
C LEU A 256 15.99 24.92 -21.16
N GLN A 257 14.80 25.34 -20.78
CA GLN A 257 13.95 26.12 -21.66
C GLN A 257 13.52 27.41 -20.98
N ALA A 258 14.02 28.52 -21.51
CA ALA A 258 13.59 29.83 -21.10
C ALA A 258 12.36 30.16 -21.96
N PRO A 259 11.53 31.12 -21.52
CA PRO A 259 10.27 31.45 -22.21
C PRO A 259 10.34 31.63 -23.71
N ASP A 260 9.48 30.91 -24.42
CA ASP A 260 9.28 31.06 -25.86
C ASP A 260 10.53 30.78 -26.67
N GLU A 261 11.42 29.97 -26.11
CA GLU A 261 12.67 29.59 -26.77
C GLU A 261 12.82 28.08 -26.80
N ALA A 262 13.53 27.59 -27.81
CA ALA A 262 13.90 26.19 -27.87
C ALA A 262 14.78 25.89 -26.65
N PRO A 263 14.64 24.70 -26.07
CA PRO A 263 15.48 24.36 -24.91
C PRO A 263 16.97 24.36 -25.28
N GLU A 264 17.83 24.77 -24.35
CA GLU A 264 19.27 24.70 -24.59
C GLU A 264 19.94 23.60 -23.77
N LEU A 265 20.96 23.01 -24.37
CA LEU A 265 21.67 21.87 -23.79
C LEU A 265 22.85 22.33 -22.93
N PHE A 266 22.98 21.75 -21.74
CA PHE A 266 24.05 22.11 -20.82
C PHE A 266 24.58 20.86 -20.14
N VAL A 267 25.85 20.56 -20.36
CA VAL A 267 26.52 19.46 -19.66
C VAL A 267 26.95 19.91 -18.25
N LEU A 268 26.62 19.10 -17.26
CA LEU A 268 27.09 19.31 -15.89
C LEU A 268 28.56 18.90 -15.78
N PRO A 269 29.42 19.81 -15.30
CA PRO A 269 30.83 19.49 -15.05
C PRO A 269 30.94 18.39 -14.00
N PRO A 270 31.55 17.26 -14.36
CA PRO A 270 31.60 16.05 -13.53
C PRO A 270 31.97 16.28 -12.05
N GLU A 271 32.73 17.33 -11.77
CA GLU A 271 33.13 17.60 -10.39
C GLU A 271 31.96 18.02 -9.52
N LEU A 272 30.90 18.49 -10.16
CA LEU A 272 29.70 18.89 -9.43
C LEU A 272 28.78 17.72 -9.12
N VAL A 273 28.92 16.63 -9.88
CA VAL A 273 28.00 15.51 -9.73
C VAL A 273 28.67 14.43 -8.88
N LEU A 274 28.37 14.44 -7.58
CA LEU A 274 28.93 13.42 -6.69
C LEU A 274 28.28 12.07 -6.91
N GLU A 275 29.10 11.05 -7.15
CA GLU A 275 28.60 9.68 -7.26
C GLU A 275 29.27 8.77 -6.25
N VAL A 276 28.62 7.64 -5.96
CA VAL A 276 29.08 6.67 -4.98
C VAL A 276 29.20 5.29 -5.65
N PRO A 277 30.42 4.76 -5.75
CA PRO A 277 30.57 3.38 -6.26
C PRO A 277 30.02 2.40 -5.24
N LEU A 278 29.26 1.41 -5.68
CA LEU A 278 28.65 0.44 -4.77
C LEU A 278 29.55 -0.76 -4.46
N GLU A 279 29.73 -1.03 -3.17
CA GLU A 279 30.35 -2.27 -2.73
C GLU A 279 29.51 -2.86 -1.60
N HIS A 280 29.75 -4.12 -1.26
CA HIS A 280 29.01 -4.81 -0.20
C HIS A 280 29.96 -5.06 0.96
N PRO A 281 29.47 -4.93 2.21
CA PRO A 281 30.34 -5.07 3.38
C PRO A 281 31.04 -6.43 3.48
N THR A 282 30.42 -7.50 3.00
CA THR A 282 30.98 -8.85 3.17
C THR A 282 31.07 -9.66 1.87
N LEU A 283 30.24 -9.33 0.89
CA LEU A 283 30.32 -10.00 -0.42
C LEU A 283 31.36 -9.25 -1.27
N GLU A 284 32.56 -9.81 -1.35
CA GLU A 284 33.70 -9.08 -1.90
C GLU A 284 33.58 -8.84 -3.39
N TRP A 285 32.74 -9.65 -4.05
CA TRP A 285 32.62 -9.59 -5.50
C TRP A 285 31.66 -8.50 -5.93
N PHE A 286 30.88 -7.96 -4.99
CA PHE A 286 29.83 -7.03 -5.37
C PHE A 286 30.42 -5.81 -6.06
N ALA A 287 31.58 -5.36 -5.56
CA ALA A 287 32.27 -4.21 -6.15
C ALA A 287 32.56 -4.44 -7.63
N ALA A 288 32.85 -5.69 -7.99
CA ALA A 288 33.22 -6.04 -9.37
C ALA A 288 32.10 -5.88 -10.40
N LEU A 289 30.87 -5.70 -9.91
CA LEU A 289 29.69 -5.49 -10.75
C LEU A 289 29.72 -4.09 -11.39
N GLY A 290 30.54 -3.20 -10.83
CA GLY A 290 30.70 -1.85 -11.35
C GLY A 290 29.45 -0.98 -11.22
N LEU A 291 28.60 -1.27 -10.24
CA LEU A 291 27.43 -0.45 -10.04
C LEU A 291 27.77 0.84 -9.28
N ARG A 292 26.98 1.89 -9.48
CA ARG A 292 27.17 3.14 -8.74
C ARG A 292 25.86 3.91 -8.72
N TRP A 293 25.77 4.93 -7.87
CA TRP A 293 24.62 5.83 -7.94
C TRP A 293 25.05 7.24 -7.57
N TYR A 294 24.27 8.22 -8.01
CA TYR A 294 24.60 9.61 -7.67
C TYR A 294 24.05 10.01 -6.31
N ALA A 295 24.70 10.99 -5.69
CA ALA A 295 24.36 11.40 -4.32
C ALA A 295 23.05 12.18 -4.26
N LEU A 296 22.82 13.05 -5.25
CA LEU A 296 21.77 14.07 -5.11
C LEU A 296 20.46 13.73 -5.83
N PRO A 297 19.41 13.48 -5.04
CA PRO A 297 18.07 13.21 -5.58
C PRO A 297 17.32 14.51 -5.77
N ALA A 298 17.25 14.98 -6.99
CA ALA A 298 16.70 16.30 -7.24
C ALA A 298 15.60 16.27 -8.31
N VAL A 299 14.35 16.38 -7.87
CA VAL A 299 13.20 16.38 -8.79
C VAL A 299 13.09 17.71 -9.52
N SER A 300 12.98 17.68 -10.84
CA SER A 300 13.08 18.92 -11.59
C SER A 300 11.94 19.22 -12.56
N ASN A 301 10.89 18.40 -12.55
CA ASN A 301 9.83 18.60 -13.51
C ASN A 301 8.46 18.77 -12.88
N MET A 302 8.42 18.98 -11.56
CA MET A 302 7.13 19.19 -10.90
C MET A 302 6.77 20.67 -10.83
N LEU A 303 5.48 20.94 -10.92
CA LEU A 303 5.00 22.31 -10.82
C LEU A 303 4.75 22.64 -9.34
N LEU A 304 5.34 23.76 -8.88
CA LEU A 304 5.04 24.27 -7.55
C LEU A 304 3.94 25.35 -7.62
N GLU A 305 2.85 25.12 -6.90
CA GLU A 305 1.70 26.02 -6.94
C GLU A 305 1.52 26.68 -5.59
N ILE A 306 1.40 28.00 -5.58
CA ILE A 306 1.25 28.76 -4.35
C ILE A 306 0.26 29.89 -4.61
N GLY A 307 -0.83 29.90 -3.86
CA GLY A 307 -1.85 30.94 -4.01
C GLY A 307 -2.29 31.15 -5.46
N GLY A 308 -2.29 30.07 -6.24
CA GLY A 308 -2.74 30.12 -7.63
C GLY A 308 -1.65 30.53 -8.60
N LEU A 309 -0.51 30.95 -8.07
CA LEU A 309 0.65 31.22 -8.92
C LEU A 309 1.31 29.88 -9.23
N GLU A 310 1.80 29.71 -10.46
CA GLU A 310 2.33 28.41 -10.87
C GLU A 310 3.77 28.51 -11.26
N PHE A 311 4.63 27.84 -10.50
CA PHE A 311 6.05 27.85 -10.81
C PHE A 311 6.43 26.57 -11.55
N SER A 312 6.50 26.66 -12.88
CA SER A 312 6.65 25.49 -13.75
C SER A 312 8.06 24.91 -13.68
N ALA A 313 8.99 25.72 -13.16
CA ALA A 313 10.37 25.29 -12.97
C ALA A 313 10.81 25.65 -11.55
N ALA A 314 10.90 24.62 -10.70
CA ALA A 314 11.25 24.81 -9.31
C ALA A 314 11.86 23.53 -8.76
N PRO A 315 13.03 23.14 -9.28
CA PRO A 315 13.63 21.89 -8.82
C PRO A 315 13.89 21.91 -7.33
N PHE A 316 13.65 20.79 -6.66
CA PHE A 316 13.94 20.65 -5.24
C PHE A 316 14.76 19.38 -5.05
N SER A 317 15.50 19.29 -3.94
CA SER A 317 16.29 18.09 -3.67
C SER A 317 16.44 17.83 -2.19
N GLY A 318 16.55 16.56 -1.81
CA GLY A 318 16.73 16.20 -0.41
C GLY A 318 17.93 15.27 -0.26
N TRP A 319 17.70 14.11 0.34
CA TRP A 319 18.66 13.02 0.28
C TRP A 319 17.89 11.72 0.10
N TYR A 320 18.56 10.71 -0.45
CA TYR A 320 17.86 9.48 -0.79
C TYR A 320 17.44 8.67 0.45
N MET A 321 16.28 8.05 0.37
CA MET A 321 16.03 6.89 1.22
C MET A 321 16.61 5.69 0.45
N SER A 322 17.35 4.84 1.16
CA SER A 322 18.12 3.80 0.49
C SER A 322 17.31 2.89 -0.44
N THR A 323 16.05 2.60 -0.08
CA THR A 323 15.25 1.72 -0.95
C THR A 323 14.92 2.33 -2.32
N GLU A 324 14.93 3.66 -2.45
CA GLU A 324 14.78 4.28 -3.77
C GLU A 324 15.87 3.75 -4.74
N ILE A 325 17.10 3.66 -4.26
CA ILE A 325 18.20 3.23 -5.12
C ILE A 325 18.23 1.72 -5.17
N GLY A 326 18.34 1.12 -3.98
CA GLY A 326 18.53 -0.32 -3.85
C GLY A 326 17.42 -1.17 -4.42
N THR A 327 16.19 -0.75 -4.18
CA THR A 327 15.04 -1.56 -4.58
C THR A 327 14.44 -1.10 -5.91
N ARG A 328 14.03 0.17 -5.99
CA ARG A 328 13.38 0.67 -7.20
C ARG A 328 14.36 0.85 -8.39
N ASN A 329 15.35 1.71 -8.25
CA ASN A 329 16.24 2.01 -9.39
C ASN A 329 17.04 0.82 -9.88
N LEU A 330 17.53 0.01 -8.94
CA LEU A 330 18.37 -1.11 -9.30
C LEU A 330 17.61 -2.42 -9.56
N CYS A 331 16.48 -2.63 -8.88
CA CYS A 331 15.76 -3.91 -9.00
C CYS A 331 14.41 -3.91 -9.74
N ASP A 332 13.79 -2.74 -9.97
CA ASP A 332 12.55 -2.72 -10.76
C ASP A 332 12.80 -3.43 -12.09
N PRO A 333 11.85 -4.25 -12.54
CA PRO A 333 12.01 -4.96 -13.82
C PRO A 333 12.20 -4.01 -15.01
N HIS A 334 11.57 -2.84 -14.93
CA HIS A 334 11.61 -1.85 -16.00
C HIS A 334 12.70 -0.81 -15.75
N ARG A 335 13.55 -1.06 -14.77
CA ARG A 335 14.71 -0.18 -14.52
C ARG A 335 15.97 -1.00 -14.79
N TYR A 336 16.98 -0.92 -13.90
CA TYR A 336 18.26 -1.63 -14.14
C TYR A 336 18.14 -3.14 -14.02
N ASN A 337 17.13 -3.60 -13.28
CA ASN A 337 16.76 -5.00 -13.25
C ASN A 337 17.93 -5.95 -12.90
N ILE A 338 18.70 -5.62 -11.87
CA ILE A 338 19.89 -6.42 -11.55
C ILE A 338 19.65 -7.61 -10.61
N LEU A 339 18.39 -7.87 -10.26
CA LEU A 339 18.06 -8.90 -9.27
C LEU A 339 18.64 -10.28 -9.63
N GLU A 340 18.33 -10.74 -10.84
CA GLU A 340 18.84 -12.03 -11.30
C GLU A 340 20.37 -12.08 -11.27
N ASP A 341 21.00 -11.03 -11.79
CA ASP A 341 22.47 -10.97 -11.83
C ASP A 341 23.05 -11.17 -10.44
N VAL A 342 22.57 -10.41 -9.46
CA VAL A 342 23.11 -10.51 -8.11
C VAL A 342 22.83 -11.89 -7.51
N ALA A 343 21.63 -12.42 -7.77
CA ALA A 343 21.26 -13.73 -7.23
C ALA A 343 22.13 -14.85 -7.76
N VAL A 344 22.47 -14.75 -9.04
CA VAL A 344 23.40 -15.71 -9.64
C VAL A 344 24.76 -15.66 -8.94
N CAS A 345 25.30 -14.46 -8.70
CA CAS A 345 26.59 -14.32 -7.99
CB CAS A 345 27.02 -12.85 -7.93
C CAS A 345 26.50 -14.88 -6.57
O CAS A 345 27.49 -15.38 -6.02
SG CAS A 345 27.11 -11.99 -9.51
AS CAS A 345 29.41 -12.63 -9.73
CE1 CAS A 345 29.03 -14.09 -11.04
CE2 CAS A 345 30.28 -10.90 -10.22
N MET A 346 25.31 -14.80 -5.97
CA MET A 346 25.09 -15.35 -4.64
C MET A 346 24.83 -16.84 -4.70
N ASP A 347 24.77 -17.37 -5.93
CA ASP A 347 24.52 -18.80 -6.17
C ASP A 347 23.14 -19.29 -5.65
N LEU A 348 22.13 -18.43 -5.71
CA LEU A 348 20.78 -18.81 -5.31
C LEU A 348 20.07 -19.60 -6.40
N ASP A 349 19.00 -20.27 -6.02
CA ASP A 349 18.18 -21.04 -6.96
C ASP A 349 17.14 -20.12 -7.60
N THR A 350 17.50 -19.55 -8.75
CA THR A 350 16.63 -18.62 -9.47
C THR A 350 15.56 -19.34 -10.30
N ARG A 351 15.49 -20.66 -10.16
CA ARG A 351 14.57 -21.47 -10.96
C ARG A 351 13.24 -21.70 -10.27
N THR A 352 13.16 -21.34 -8.98
CA THR A 352 11.92 -21.49 -8.24
C THR A 352 11.70 -20.28 -7.35
N THR A 353 10.44 -19.87 -7.21
CA THR A 353 10.10 -18.71 -6.41
C THR A 353 10.33 -18.98 -4.94
N SER A 354 10.06 -20.22 -4.52
CA SER A 354 10.07 -20.54 -3.09
C SER A 354 11.46 -20.47 -2.43
N SER A 355 12.52 -20.32 -3.23
CA SER A 355 13.86 -20.13 -2.70
C SER A 355 14.05 -18.73 -2.14
N LEU A 356 13.06 -17.87 -2.37
CA LEU A 356 13.13 -16.46 -1.98
C LEU A 356 14.38 -15.74 -2.51
N TRP A 357 14.87 -16.18 -3.67
CA TRP A 357 16.07 -15.59 -4.25
C TRP A 357 15.95 -14.10 -4.53
N LYS A 358 14.78 -13.66 -4.98
CA LYS A 358 14.59 -12.22 -5.20
C LYS A 358 14.70 -11.48 -3.88
N ASP A 359 14.07 -12.03 -2.84
CA ASP A 359 14.07 -11.37 -1.53
C ASP A 359 15.48 -11.27 -0.96
N LYS A 360 16.25 -12.33 -1.12
CA LYS A 360 17.60 -12.35 -0.56
C LYS A 360 18.49 -11.37 -1.28
N ALA A 361 18.46 -11.42 -2.61
CA ALA A 361 19.32 -10.54 -3.40
C ALA A 361 18.97 -9.08 -3.13
N ALA A 362 17.68 -8.77 -3.09
CA ALA A 362 17.22 -7.41 -2.85
C ALA A 362 17.74 -6.88 -1.53
N VAL A 363 17.79 -7.74 -0.52
CA VAL A 363 18.30 -7.29 0.79
C VAL A 363 19.78 -6.90 0.70
N GLU A 364 20.57 -7.69 -0.01
CA GLU A 364 22.00 -7.44 -0.06
C GLU A 364 22.32 -6.21 -0.89
N ILE A 365 21.53 -6.00 -1.94
CA ILE A 365 21.67 -4.78 -2.75
C ILE A 365 21.35 -3.53 -1.92
N ASN A 366 20.24 -3.57 -1.18
CA ASN A 366 19.93 -2.48 -0.26
C ASN A 366 21.04 -2.24 0.78
N LEU A 367 21.62 -3.33 1.29
CA LEU A 367 22.69 -3.22 2.28
C LEU A 367 23.94 -2.60 1.63
N ALA A 368 24.22 -3.01 0.39
CA ALA A 368 25.36 -2.45 -0.34
C ALA A 368 25.19 -0.92 -0.56
N VAL A 369 23.99 -0.52 -0.96
CA VAL A 369 23.70 0.90 -1.10
C VAL A 369 24.01 1.63 0.21
N LEU A 370 23.47 1.14 1.32
CA LEU A 370 23.68 1.82 2.62
C LEU A 370 25.14 1.86 3.01
N HIS A 371 25.80 0.71 2.89
CA HIS A 371 27.19 0.59 3.29
C HIS A 371 28.04 1.53 2.45
N SER A 372 27.82 1.54 1.15
CA SER A 372 28.65 2.35 0.27
C SER A 372 28.48 3.85 0.55
N PHE A 373 27.23 4.32 0.69
CA PHE A 373 26.99 5.72 0.99
C PHE A 373 27.63 6.14 2.33
N GLN A 374 27.50 5.29 3.35
CA GLN A 374 28.12 5.57 4.64
C GLN A 374 29.64 5.65 4.54
N LEU A 375 30.25 4.70 3.84
CA LEU A 375 31.70 4.68 3.63
C LEU A 375 32.17 5.94 2.91
N ALA A 376 31.40 6.37 1.91
CA ALA A 376 31.71 7.57 1.15
C ALA A 376 31.30 8.87 1.88
N LYS A 377 30.73 8.71 3.08
CA LYS A 377 30.23 9.86 3.86
C LYS A 377 29.24 10.76 3.09
N VAL A 378 28.26 10.12 2.50
CA VAL A 378 27.25 10.83 1.74
C VAL A 378 25.96 10.52 2.47
N THR A 379 25.20 11.56 2.78
CA THR A 379 23.98 11.43 3.53
C THR A 379 23.06 10.41 2.85
N ILE A 380 22.57 9.48 3.66
CA ILE A 380 21.54 8.55 3.21
C ILE A 380 20.74 8.10 4.42
N VAL A 381 19.50 7.67 4.20
CA VAL A 381 18.69 7.14 5.29
C VAL A 381 18.05 5.83 4.89
N ASP A 382 18.14 4.83 5.76
CA ASP A 382 17.49 3.55 5.48
C ASP A 382 16.00 3.64 5.69
N HIS A 383 15.28 2.65 5.17
CA HIS A 383 13.82 2.65 5.25
C HIS A 383 13.28 2.50 6.67
N HIS A 384 14.08 1.96 7.59
CA HIS A 384 13.58 1.83 8.96
C HIS A 384 13.66 3.18 9.65
N ALA A 385 14.81 3.84 9.51
CA ALA A 385 15.01 5.10 10.19
C ALA A 385 14.13 6.20 9.59
N ALA A 386 13.89 6.11 8.28
CA ALA A 386 13.04 7.11 7.62
C ALA A 386 11.58 6.96 8.06
N THR A 387 11.10 5.73 8.14
CA THR A 387 9.71 5.51 8.55
C THR A 387 9.48 5.82 10.03
N VAL A 388 10.46 5.51 10.88
CA VAL A 388 10.37 5.95 12.28
C VAL A 388 10.27 7.48 12.38
N SER A 389 11.04 8.21 11.56
CA SER A 389 11.00 9.66 11.65
C SER A 389 9.69 10.19 11.09
N PHE A 390 9.14 9.48 10.11
CA PHE A 390 7.86 9.89 9.56
C PHE A 390 6.74 9.72 10.59
N MET A 391 6.83 8.67 11.41
CA MET A 391 5.84 8.46 12.47
C MET A 391 5.91 9.60 13.48
N LYS A 392 7.13 10.07 13.75
CA LYS A 392 7.34 11.22 14.63
C LYS A 392 6.74 12.46 13.98
N HIS A 393 6.97 12.56 12.67
CA HIS A 393 6.39 13.65 11.90
C HIS A 393 4.86 13.65 12.02
N LEU A 394 4.26 12.46 11.89
CA LEU A 394 2.80 12.31 12.00
C LEU A 394 2.29 12.84 13.35
N ASP A 395 2.98 12.50 14.43
N ASP A 395 2.99 12.48 14.43
CA ASP A 395 2.61 13.00 15.76
CA ASP A 395 2.68 12.96 15.78
C ASP A 395 2.79 14.51 15.90
C ASP A 395 2.79 14.48 15.88
N ASN A 396 3.85 15.05 15.31
CA ASN A 396 4.06 16.49 15.29
C ASN A 396 2.88 17.19 14.62
N GLU A 397 2.55 16.73 13.42
CA GLU A 397 1.49 17.36 12.64
C GLU A 397 0.10 17.14 13.24
N GLN A 398 -0.06 16.04 13.97
CA GLN A 398 -1.34 15.81 14.63
C GLN A 398 -1.55 16.98 15.58
N LYS A 399 -0.52 17.30 16.35
CA LYS A 399 -0.61 18.39 17.32
C LYS A 399 -0.66 19.76 16.64
N ALA A 400 0.16 19.95 15.61
CA ALA A 400 0.31 21.28 14.99
C ALA A 400 -0.86 21.68 14.08
N ARG A 401 -1.45 20.71 13.40
CA ARG A 401 -2.43 20.99 12.35
C ARG A 401 -3.68 20.10 12.41
N GLY A 402 -3.67 19.09 13.28
CA GLY A 402 -4.78 18.17 13.42
C GLY A 402 -4.86 17.12 12.33
N GLY A 403 -3.73 16.83 11.70
CA GLY A 403 -3.69 15.77 10.69
C GLY A 403 -2.50 15.92 9.75
N CYS A 404 -2.33 14.95 8.87
CA CYS A 404 -1.23 14.96 7.90
C CYS A 404 -1.60 14.12 6.69
N PRO A 405 -1.77 14.77 5.52
CA PRO A 405 -2.13 14.02 4.32
C PRO A 405 -1.00 13.06 3.95
N ALA A 406 -1.32 11.80 3.68
CA ALA A 406 -0.27 10.82 3.42
C ALA A 406 -0.77 9.73 2.50
N ASP A 407 0.08 9.35 1.55
CA ASP A 407 -0.26 8.33 0.57
C ASP A 407 0.36 7.01 1.04
N TRP A 408 -0.47 6.13 1.58
CA TRP A 408 0.02 4.91 2.23
C TRP A 408 0.88 4.08 1.27
N ALA A 409 0.42 3.94 0.04
CA ALA A 409 1.13 3.14 -0.95
C ALA A 409 2.55 3.64 -1.20
N TRP A 410 2.76 4.95 -1.01
CA TRP A 410 4.05 5.56 -1.31
C TRP A 410 4.92 5.71 -0.08
N ILE A 411 4.25 5.88 1.06
CA ILE A 411 4.98 6.01 2.32
C ILE A 411 5.59 4.68 2.74
N VAL A 412 4.84 3.59 2.56
CA VAL A 412 5.36 2.26 2.94
C VAL A 412 6.45 1.84 1.94
N PRO A 413 7.65 1.50 2.43
CA PRO A 413 8.77 1.17 1.54
C PRO A 413 8.49 -0.07 0.68
N PRO A 414 9.19 -0.21 -0.46
CA PRO A 414 8.96 -1.29 -1.41
C PRO A 414 9.58 -2.64 -1.00
N ILE A 415 10.40 -2.66 0.05
CA ILE A 415 10.76 -3.93 0.68
C ILE A 415 10.45 -3.83 2.17
N SER A 416 10.32 -4.98 2.83
CA SER A 416 10.15 -5.02 4.28
C SER A 416 8.98 -4.18 4.83
N GLY A 417 7.98 -3.95 3.99
CA GLY A 417 6.78 -3.21 4.35
C GLY A 417 6.32 -3.28 5.80
N SER A 418 5.87 -4.44 6.25
CA SER A 418 5.29 -4.53 7.58
C SER A 418 6.34 -4.59 8.68
N LEU A 419 7.60 -4.58 8.27
CA LEU A 419 8.69 -4.52 9.24
C LEU A 419 8.88 -3.07 9.72
N THR A 420 8.26 -2.13 9.02
CA THR A 420 8.36 -0.72 9.41
C THR A 420 7.06 -0.26 10.05
N PRO A 421 7.12 0.76 10.92
CA PRO A 421 5.90 1.12 11.67
C PRO A 421 4.81 1.78 10.81
N VAL A 422 5.15 2.36 9.67
CA VAL A 422 4.13 3.04 8.87
C VAL A 422 3.12 2.07 8.26
N PHE A 423 3.53 0.81 8.08
CA PHE A 423 2.64 -0.18 7.47
C PHE A 423 1.38 -0.34 8.33
N HIS A 424 1.55 -0.22 9.64
CA HIS A 424 0.46 -0.50 10.60
C HIS A 424 -0.29 0.76 10.97
N GLN A 425 0.00 1.83 10.25
CA GLN A 425 -0.61 3.13 10.53
C GLN A 425 -1.58 3.49 9.40
N GLU A 426 -2.86 3.60 9.73
CA GLU A 426 -3.82 4.12 8.76
C GLU A 426 -3.48 5.57 8.42
N MET A 427 -3.75 5.96 7.17
CA MET A 427 -3.43 7.30 6.69
C MET A 427 -4.57 7.86 5.85
N VAL A 428 -4.82 9.16 5.99
CA VAL A 428 -5.82 9.87 5.22
C VAL A 428 -5.14 10.69 4.11
N ASN A 429 -5.61 10.54 2.87
CA ASN A 429 -4.99 11.26 1.76
C ASN A 429 -5.89 12.33 1.15
N TYR A 430 -5.34 13.54 1.00
CA TYR A 430 -6.07 14.68 0.46
C TYR A 430 -5.10 15.73 -0.07
N ILE A 431 -5.62 16.64 -0.89
CA ILE A 431 -4.78 17.65 -1.51
C ILE A 431 -4.90 18.98 -0.78
N LEU A 432 -3.77 19.43 -0.21
CA LEU A 432 -3.67 20.73 0.41
C LEU A 432 -2.84 21.62 -0.50
N SER A 433 -3.12 22.92 -0.50
CA SER A 433 -2.29 23.87 -1.24
C SER A 433 -1.71 24.89 -0.26
N PRO A 434 -0.46 25.35 -0.48
CA PRO A 434 0.48 25.11 -1.60
C PRO A 434 0.80 23.66 -1.86
N ALA A 435 1.10 23.31 -3.11
CA ALA A 435 1.29 21.92 -3.48
C ALA A 435 2.32 21.78 -4.58
N PHE A 436 3.03 20.65 -4.56
CA PHE A 436 3.77 20.22 -5.74
C PHE A 436 2.83 19.34 -6.57
N ARG A 437 2.83 19.54 -7.89
CA ARG A 437 1.94 18.78 -8.78
C ARG A 437 2.71 18.30 -10.00
N TYR A 438 2.29 17.17 -10.56
CA TYR A 438 2.82 16.73 -11.85
C TYR A 438 2.35 17.70 -12.93
N GLN A 439 3.10 17.78 -14.03
CA GLN A 439 2.72 18.58 -15.18
C GLN A 439 3.15 17.81 -16.43
N PRO A 440 2.49 18.06 -17.57
CA PRO A 440 2.87 17.30 -18.76
C PRO A 440 4.30 17.62 -19.21
N ASP A 441 5.01 16.61 -19.69
CA ASP A 441 6.28 16.82 -20.37
C ASP A 441 6.10 17.89 -21.46
N PRO A 442 7.00 18.88 -21.50
CA PRO A 442 6.89 20.05 -22.38
C PRO A 442 7.05 19.72 -23.86
N TRP A 443 7.31 18.47 -24.21
CA TRP A 443 7.45 18.12 -25.61
C TRP A 443 6.20 17.40 -26.13
N LYS B 30 -15.41 8.68 -15.36
CA LYS B 30 -16.52 7.75 -15.31
C LYS B 30 -15.95 6.36 -15.14
N PHE B 31 -15.45 5.78 -16.23
CA PHE B 31 -14.74 4.51 -16.15
C PHE B 31 -13.25 4.78 -15.99
N PRO B 32 -12.67 4.32 -14.87
CA PRO B 32 -11.28 4.59 -14.53
C PRO B 32 -10.26 3.88 -15.43
N ARG B 33 -9.24 4.63 -15.82
CA ARG B 33 -8.09 4.13 -16.57
C ARG B 33 -7.13 3.45 -15.61
N VAL B 34 -6.78 2.20 -15.89
CA VAL B 34 -5.98 1.38 -14.99
C VAL B 34 -4.67 0.96 -15.65
N LYS B 35 -3.54 1.43 -15.11
CA LYS B 35 -2.25 1.24 -15.77
C LYS B 35 -1.33 0.28 -15.03
N ASN B 36 -0.69 -0.63 -15.77
CA ASN B 36 0.41 -1.39 -15.20
C ASN B 36 1.73 -0.70 -15.57
N TRP B 37 2.50 -0.29 -14.57
CA TRP B 37 3.70 0.52 -14.79
C TRP B 37 4.96 -0.27 -15.15
N GLU B 38 4.95 -1.58 -14.90
CA GLU B 38 6.04 -2.44 -15.35
C GLU B 38 5.93 -2.71 -16.86
N LEU B 39 4.70 -2.85 -17.35
CA LEU B 39 4.48 -3.27 -18.73
C LEU B 39 3.96 -2.18 -19.66
N GLY B 40 3.46 -1.09 -19.09
CA GLY B 40 2.92 0.01 -19.88
C GLY B 40 1.51 -0.23 -20.40
N SER B 41 0.96 -1.39 -20.08
CA SER B 41 -0.37 -1.78 -20.55
C SER B 41 -1.49 -1.09 -19.78
N ILE B 42 -2.60 -0.85 -20.48
CA ILE B 42 -3.73 -0.11 -19.93
C ILE B 42 -5.07 -0.86 -20.07
N THR B 43 -5.84 -0.91 -18.98
CA THR B 43 -7.22 -1.40 -19.01
C THR B 43 -8.20 -0.33 -18.51
N TYR B 44 -9.49 -0.60 -18.63
CA TYR B 44 -10.54 0.31 -18.17
C TYR B 44 -11.54 -0.50 -17.36
N ASP B 45 -11.75 -0.11 -16.09
CA ASP B 45 -12.69 -0.85 -15.25
C ASP B 45 -14.13 -0.36 -15.49
N THR B 46 -14.95 -1.22 -16.09
CA THR B 46 -16.37 -0.93 -16.28
C THR B 46 -17.19 -1.70 -15.26
N LEU B 47 -16.58 -2.70 -14.63
CA LEU B 47 -17.27 -3.51 -13.64
C LEU B 47 -17.74 -2.64 -12.48
N CYS B 48 -16.91 -1.67 -12.09
CA CYS B 48 -17.19 -0.84 -10.91
C CYS B 48 -18.55 -0.16 -10.98
N ALA B 49 -19.08 -0.02 -12.20
CA ALA B 49 -20.42 0.53 -12.39
C ALA B 49 -21.50 -0.35 -11.75
N GLN B 50 -21.18 -1.62 -11.48
CA GLN B 50 -22.16 -2.53 -10.87
C GLN B 50 -22.21 -2.40 -9.35
N SER B 51 -21.36 -1.52 -8.79
CA SER B 51 -21.35 -1.33 -7.34
C SER B 51 -22.62 -0.61 -6.85
N GLN B 52 -23.25 -1.16 -5.83
CA GLN B 52 -24.48 -0.61 -5.30
C GLN B 52 -24.24 -0.08 -3.88
N GLN B 53 -23.02 -0.31 -3.39
CA GLN B 53 -22.65 0.01 -2.01
C GLN B 53 -21.49 1.01 -1.98
N ASP B 54 -21.61 2.03 -1.13
CA ASP B 54 -20.56 3.03 -0.98
C ASP B 54 -19.45 2.53 -0.07
N GLY B 55 -18.20 2.84 -0.44
CA GLY B 55 -17.06 2.63 0.44
C GLY B 55 -16.77 3.93 1.18
N PRO B 56 -15.57 4.07 1.76
CA PRO B 56 -15.24 5.16 2.69
C PRO B 56 -14.67 6.44 2.05
N CYS B 57 -14.27 6.37 0.78
CA CYS B 57 -13.67 7.56 0.14
C CYS B 57 -14.69 8.57 -0.39
N THR B 58 -14.26 9.82 -0.51
CA THR B 58 -15.06 10.89 -1.10
C THR B 58 -14.06 11.70 -1.92
N PRO B 59 -14.53 12.60 -2.78
CA PRO B 59 -13.57 13.39 -3.56
C PRO B 59 -12.59 14.19 -2.69
N ARG B 60 -13.04 14.58 -1.49
CA ARG B 60 -12.22 15.43 -0.61
C ARG B 60 -11.08 14.68 0.11
N ARG B 61 -11.29 13.39 0.41
CA ARG B 61 -10.21 12.59 1.00
C ARG B 61 -10.37 11.08 0.74
N CYS B 62 -9.23 10.42 0.49
CA CYS B 62 -9.21 8.97 0.32
C CYS B 62 -8.94 8.26 1.64
N LEU B 63 -9.81 7.30 1.99
CA LEU B 63 -9.68 6.52 3.22
C LEU B 63 -9.36 5.07 2.90
N GLY B 64 -8.67 4.86 1.77
CA GLY B 64 -8.43 3.51 1.27
C GLY B 64 -7.51 2.68 2.13
N SER B 65 -6.73 3.33 3.00
CA SER B 65 -5.81 2.59 3.86
C SER B 65 -6.46 2.16 5.17
N LEU B 66 -7.70 2.58 5.42
CA LEU B 66 -8.38 2.17 6.65
C LEU B 66 -8.78 0.70 6.59
N VAL B 67 -8.46 -0.04 7.66
CA VAL B 67 -8.80 -1.46 7.75
C VAL B 67 -10.31 -1.71 7.85
N LEU B 68 -10.98 -1.00 8.75
CA LEU B 68 -12.40 -1.23 9.00
C LEU B 68 -13.28 -0.05 8.57
N PRO B 69 -14.53 -0.34 8.15
CA PRO B 69 -15.53 0.71 7.92
C PRO B 69 -15.87 1.47 9.21
N ARG B 70 -16.00 2.79 9.13
CA ARG B 70 -16.30 3.64 10.28
C ARG B 70 -17.53 3.17 11.09
N LYS B 71 -18.57 2.72 10.39
CA LYS B 71 -19.75 2.18 11.05
C LYS B 71 -19.93 0.69 10.72
N PRO B 82 -35.87 -1.89 4.29
CA PRO B 82 -36.97 -2.84 4.50
C PRO B 82 -37.25 -3.72 3.27
N ALA B 83 -38.53 -3.95 2.99
CA ALA B 83 -38.95 -4.93 1.97
C ALA B 83 -38.50 -4.64 0.54
N GLU B 84 -38.75 -3.42 0.06
CA GLU B 84 -38.38 -3.04 -1.31
C GLU B 84 -36.87 -3.15 -1.54
N GLN B 85 -36.10 -2.84 -0.50
CA GLN B 85 -34.66 -2.89 -0.55
C GLN B 85 -34.20 -4.34 -0.68
N LEU B 86 -34.70 -5.20 0.22
CA LEU B 86 -34.41 -6.62 0.19
C LEU B 86 -34.84 -7.20 -1.15
N LEU B 87 -36.06 -6.85 -1.55
CA LEU B 87 -36.60 -7.36 -2.80
C LEU B 87 -35.73 -7.00 -4.01
N SER B 88 -35.10 -5.83 -3.99
CA SER B 88 -34.31 -5.40 -5.13
C SER B 88 -32.93 -6.06 -5.13
N GLN B 89 -32.38 -6.27 -3.93
CA GLN B 89 -31.14 -7.02 -3.76
C GLN B 89 -31.35 -8.50 -4.12
N ALA B 90 -32.53 -9.02 -3.80
CA ALA B 90 -32.86 -10.40 -4.12
C ALA B 90 -32.99 -10.59 -5.63
N ARG B 91 -33.80 -9.75 -6.27
CA ARG B 91 -34.01 -9.84 -7.71
C ARG B 91 -32.69 -9.73 -8.46
N ASP B 92 -31.85 -8.78 -8.07
CA ASP B 92 -30.52 -8.64 -8.65
C ASP B 92 -29.72 -9.93 -8.50
N PHE B 93 -29.74 -10.53 -7.31
CA PHE B 93 -29.02 -11.77 -7.10
C PHE B 93 -29.53 -12.94 -7.94
N ILE B 94 -30.85 -13.15 -7.93
CA ILE B 94 -31.47 -14.21 -8.71
C ILE B 94 -31.15 -14.02 -10.20
N ASN B 95 -31.13 -12.76 -10.62
CA ASN B 95 -30.74 -12.42 -11.99
C ASN B 95 -29.29 -12.80 -12.25
N GLN B 96 -28.40 -12.49 -11.32
CA GLN B 96 -27.00 -12.92 -11.41
C GLN B 96 -26.93 -14.45 -11.55
N TYR B 97 -27.74 -15.16 -10.79
CA TYR B 97 -27.67 -16.62 -10.77
C TYR B 97 -28.09 -17.26 -12.10
N TYR B 98 -29.24 -16.87 -12.63
CA TYR B 98 -29.74 -17.46 -13.86
C TYR B 98 -28.88 -17.08 -15.07
N SER B 99 -28.29 -15.91 -15.01
CA SER B 99 -27.35 -15.50 -16.04
C SER B 99 -26.10 -16.38 -15.96
N SER B 100 -25.72 -16.74 -14.73
CA SER B 100 -24.55 -17.60 -14.52
C SER B 100 -24.71 -18.99 -15.15
N ILE B 101 -25.92 -19.53 -15.11
CA ILE B 101 -26.20 -20.85 -15.68
C ILE B 101 -26.79 -20.70 -17.09
N LYS B 102 -26.67 -19.49 -17.64
CA LYS B 102 -27.13 -19.17 -18.99
C LYS B 102 -28.62 -19.44 -19.25
N ARG B 103 -29.48 -19.09 -18.29
CA ARG B 103 -30.92 -19.31 -18.44
C ARG B 103 -31.73 -18.05 -18.12
N SER B 104 -31.22 -16.88 -18.47
CA SER B 104 -31.95 -15.63 -18.25
C SER B 104 -33.21 -15.61 -19.10
N GLY B 105 -34.33 -15.20 -18.49
CA GLY B 105 -35.58 -15.11 -19.20
C GLY B 105 -36.33 -16.41 -19.27
N SER B 106 -35.67 -17.51 -18.92
CA SER B 106 -36.32 -18.82 -18.90
C SER B 106 -37.50 -18.83 -17.93
N GLN B 107 -38.36 -19.84 -18.06
CA GLN B 107 -39.52 -19.92 -17.19
C GLN B 107 -39.10 -20.21 -15.75
N ALA B 108 -38.04 -20.99 -15.60
CA ALA B 108 -37.50 -21.29 -14.28
C ALA B 108 -37.03 -19.99 -13.61
N HIS B 109 -36.40 -19.12 -14.40
CA HIS B 109 -35.96 -17.81 -13.92
C HIS B 109 -37.14 -16.97 -13.44
N GLU B 110 -38.15 -16.81 -14.30
CA GLU B 110 -39.29 -15.96 -13.98
C GLU B 110 -40.07 -16.52 -12.80
N GLU B 111 -40.17 -17.85 -12.73
CA GLU B 111 -40.85 -18.51 -11.60
C GLU B 111 -40.12 -18.28 -10.29
N ARG B 112 -38.80 -18.41 -10.31
CA ARG B 112 -37.98 -18.22 -9.11
C ARG B 112 -38.13 -16.80 -8.58
N LEU B 113 -38.20 -15.83 -9.50
CA LEU B 113 -38.37 -14.42 -9.13
C LEU B 113 -39.69 -14.20 -8.40
N GLN B 114 -40.74 -14.87 -8.87
CA GLN B 114 -42.05 -14.74 -8.26
C GLN B 114 -42.14 -15.43 -6.91
N GLU B 115 -41.38 -16.51 -6.73
CA GLU B 115 -41.34 -17.19 -5.44
C GLU B 115 -40.74 -16.25 -4.40
N VAL B 116 -39.58 -15.68 -4.74
CA VAL B 116 -38.89 -14.72 -3.89
C VAL B 116 -39.80 -13.55 -3.56
N GLU B 117 -40.41 -12.97 -4.59
CA GLU B 117 -41.33 -11.87 -4.42
C GLU B 117 -42.51 -12.27 -3.52
N ALA B 118 -43.06 -13.45 -3.75
CA ALA B 118 -44.21 -13.90 -2.97
C ALA B 118 -43.83 -14.09 -1.50
N GLU B 119 -42.61 -14.56 -1.28
CA GLU B 119 -42.15 -14.87 0.07
C GLU B 119 -41.81 -13.61 0.88
N VAL B 120 -41.14 -12.64 0.24
CA VAL B 120 -40.81 -11.37 0.91
C VAL B 120 -42.07 -10.57 1.21
N ALA B 121 -43.01 -10.56 0.26
CA ALA B 121 -44.28 -9.88 0.44
C ALA B 121 -45.04 -10.41 1.65
N SER B 122 -44.91 -11.69 1.93
CA SER B 122 -45.71 -12.33 2.98
C SER B 122 -44.97 -12.37 4.31
N THR B 123 -43.66 -12.53 4.23
CA THR B 123 -42.85 -12.86 5.40
C THR B 123 -41.76 -11.85 5.74
N GLY B 124 -41.49 -10.90 4.83
CA GLY B 124 -40.43 -9.93 5.04
C GLY B 124 -39.04 -10.48 4.73
N THR B 125 -38.97 -11.74 4.31
CA THR B 125 -37.70 -12.36 4.00
C THR B 125 -37.91 -13.50 3.00
N TYR B 126 -36.82 -14.21 2.67
CA TYR B 126 -36.94 -15.38 1.80
C TYR B 126 -35.79 -16.34 2.06
N HIS B 127 -35.74 -17.43 1.30
CA HIS B 127 -34.68 -18.41 1.47
C HIS B 127 -34.09 -18.83 0.15
N LEU B 128 -32.78 -19.05 0.14
CA LEU B 128 -32.05 -19.45 -1.06
C LEU B 128 -32.16 -20.96 -1.27
N ARG B 129 -32.19 -21.38 -2.54
CA ARG B 129 -32.05 -22.80 -2.87
C ARG B 129 -30.58 -23.11 -2.72
N GLU B 130 -30.25 -24.38 -2.47
CA GLU B 130 -28.85 -24.75 -2.23
C GLU B 130 -27.92 -24.38 -3.39
N SER B 131 -28.38 -24.59 -4.62
CA SER B 131 -27.55 -24.26 -5.79
C SER B 131 -27.26 -22.75 -5.86
N GLU B 132 -28.22 -21.95 -5.41
CA GLU B 132 -28.08 -20.48 -5.36
C GLU B 132 -27.04 -20.09 -4.31
N LEU B 133 -27.13 -20.72 -3.14
CA LEU B 133 -26.14 -20.52 -2.08
C LEU B 133 -24.73 -20.85 -2.57
N VAL B 134 -24.59 -21.96 -3.27
CA VAL B 134 -23.28 -22.33 -3.78
C VAL B 134 -22.71 -21.27 -4.71
N PHE B 135 -23.53 -20.84 -5.68
CA PHE B 135 -23.16 -19.73 -6.55
C PHE B 135 -22.85 -18.45 -5.78
N GLY B 136 -23.67 -18.14 -4.78
CA GLY B 136 -23.51 -16.92 -3.99
C GLY B 136 -22.21 -16.88 -3.24
N ALA B 137 -21.84 -18.01 -2.64
CA ALA B 137 -20.59 -18.12 -1.88
C ALA B 137 -19.37 -17.92 -2.77
N LYS B 138 -19.38 -18.54 -3.95
CA LYS B 138 -18.26 -18.40 -4.89
C LYS B 138 -18.13 -16.94 -5.33
N GLN B 139 -19.26 -16.29 -5.61
CA GLN B 139 -19.22 -14.90 -6.07
C GLN B 139 -18.67 -13.97 -4.99
N ALA B 140 -19.05 -14.20 -3.74
CA ALA B 140 -18.53 -13.36 -2.66
C ALA B 140 -17.01 -13.48 -2.53
N TRP B 141 -16.51 -14.70 -2.74
CA TRP B 141 -15.07 -14.92 -2.70
C TRP B 141 -14.45 -14.19 -3.88
N ARG B 142 -15.04 -14.40 -5.06
CA ARG B 142 -14.59 -13.72 -6.27
C ARG B 142 -14.58 -12.20 -6.10
N ASN B 143 -15.58 -11.67 -5.40
CA ASN B 143 -15.71 -10.23 -5.22
C ASN B 143 -14.88 -9.65 -4.07
N ALA B 144 -14.16 -10.50 -3.33
CA ALA B 144 -13.43 -10.05 -2.14
C ALA B 144 -12.14 -9.34 -2.52
N PRO B 145 -12.12 -8.00 -2.34
CA PRO B 145 -10.99 -7.20 -2.84
C PRO B 145 -9.66 -7.46 -2.13
N ARG B 146 -9.72 -7.96 -0.89
CA ARG B 146 -8.51 -8.17 -0.11
C ARG B 146 -7.90 -9.56 -0.28
N CYS B 147 -8.56 -10.44 -1.06
CA CYS B 147 -8.04 -11.81 -1.22
C CYS B 147 -7.14 -11.98 -2.45
N VAL B 148 -5.89 -12.37 -2.21
CA VAL B 148 -4.95 -12.62 -3.30
C VAL B 148 -5.14 -14.02 -3.92
N GLY B 149 -5.95 -14.87 -3.28
CA GLY B 149 -6.10 -16.24 -3.75
C GLY B 149 -7.25 -16.47 -4.72
N ARG B 150 -7.80 -15.40 -5.29
CA ARG B 150 -9.05 -15.53 -6.04
C ARG B 150 -8.94 -16.23 -7.39
N ILE B 151 -7.73 -16.57 -7.84
CA ILE B 151 -7.59 -17.39 -9.05
C ILE B 151 -8.36 -18.69 -8.83
N GLN B 152 -8.51 -19.08 -7.58
CA GLN B 152 -9.15 -20.34 -7.20
C GLN B 152 -10.69 -20.28 -7.03
N TRP B 153 -11.26 -19.08 -7.22
CA TRP B 153 -12.65 -18.81 -6.81
C TRP B 153 -13.72 -19.81 -7.28
N GLY B 154 -13.47 -20.46 -8.42
CA GLY B 154 -14.43 -21.38 -9.00
C GLY B 154 -14.42 -22.74 -8.32
N LYS B 155 -13.38 -23.00 -7.54
CA LYS B 155 -13.20 -24.29 -6.88
C LYS B 155 -13.39 -24.07 -5.39
N LEU B 156 -14.60 -24.31 -4.91
CA LEU B 156 -14.95 -24.01 -3.53
C LEU B 156 -15.99 -25.02 -3.10
N GLN B 157 -15.65 -25.84 -2.11
CA GLN B 157 -16.61 -26.82 -1.59
C GLN B 157 -17.53 -26.08 -0.61
N VAL B 158 -18.83 -26.16 -0.87
CA VAL B 158 -19.79 -25.44 -0.05
C VAL B 158 -20.62 -26.41 0.77
N PHE B 159 -20.50 -26.32 2.09
CA PHE B 159 -21.32 -27.12 2.99
C PHE B 159 -22.50 -26.30 3.46
N ASP B 160 -23.69 -26.81 3.18
CA ASP B 160 -24.94 -26.17 3.60
C ASP B 160 -25.21 -26.58 5.04
N ALA B 161 -25.08 -25.65 5.98
CA ALA B 161 -25.33 -25.99 7.38
C ALA B 161 -26.55 -25.24 7.92
N ARG B 162 -27.43 -24.82 7.01
CA ARG B 162 -28.57 -24.00 7.38
C ARG B 162 -29.67 -24.75 8.14
N ASP B 163 -29.48 -26.06 8.32
CA ASP B 163 -30.39 -26.88 9.14
C ASP B 163 -29.82 -27.14 10.54
N CYS B 164 -29.05 -26.18 11.03
CA CYS B 164 -28.41 -26.29 12.33
C CYS B 164 -29.27 -25.56 13.36
N SER B 165 -29.59 -26.22 14.48
CA SER B 165 -30.43 -25.60 15.50
C SER B 165 -29.74 -25.49 16.86
N SER B 166 -28.45 -25.82 16.94
CA SER B 166 -27.78 -25.80 18.25
C SER B 166 -26.28 -25.63 18.11
N ALA B 167 -25.65 -25.09 19.16
CA ALA B 167 -24.21 -24.92 19.19
C ALA B 167 -23.51 -26.27 18.97
N GLN B 168 -24.04 -27.32 19.59
CA GLN B 168 -23.56 -28.68 19.38
C GLN B 168 -23.52 -29.08 17.90
N GLU B 169 -24.61 -28.83 17.17
CA GLU B 169 -24.65 -29.14 15.74
C GLU B 169 -23.65 -28.29 14.96
N MET B 170 -23.50 -27.03 15.36
CA MET B 170 -22.48 -26.16 14.75
C MET B 170 -21.11 -26.80 14.89
N PHE B 171 -20.82 -27.37 16.05
CA PHE B 171 -19.51 -27.98 16.30
C PHE B 171 -19.28 -29.19 15.39
N THR B 172 -20.30 -30.03 15.21
CA THR B 172 -20.18 -31.17 14.31
C THR B 172 -19.87 -30.69 12.90
N TYR B 173 -20.63 -29.70 12.43
CA TYR B 173 -20.41 -29.14 11.11
C TYR B 173 -18.99 -28.58 10.98
N ILE B 174 -18.53 -27.87 12.00
CA ILE B 174 -17.20 -27.29 11.97
C ILE B 174 -16.10 -28.35 11.88
N CYS B 175 -16.22 -29.40 12.69
CA CYS B 175 -15.27 -30.51 12.66
C CYS B 175 -15.18 -31.17 11.28
N ASN B 176 -16.33 -31.38 10.65
CA ASN B 176 -16.34 -31.95 9.31
C ASN B 176 -15.67 -31.01 8.29
N HIS B 177 -15.97 -29.71 8.37
CA HIS B 177 -15.30 -28.70 7.55
C HIS B 177 -13.77 -28.81 7.69
N ILE B 178 -13.28 -28.78 8.92
CA ILE B 178 -11.84 -28.87 9.17
C ILE B 178 -11.25 -30.16 8.62
N LYS B 179 -11.95 -31.28 8.85
CA LYS B 179 -11.53 -32.56 8.30
C LYS B 179 -11.48 -32.51 6.78
N TYR B 180 -12.53 -32.00 6.16
CA TYR B 180 -12.58 -31.94 4.71
C TYR B 180 -11.46 -31.04 4.18
N ALA B 181 -11.38 -29.84 4.76
CA ALA B 181 -10.50 -28.81 4.24
C ALA B 181 -9.02 -29.18 4.40
N THR B 182 -8.71 -29.89 5.48
CA THR B 182 -7.32 -30.22 5.79
C THR B 182 -6.79 -31.35 4.90
N ASN B 183 -7.58 -32.43 4.79
CA ASN B 183 -7.32 -33.48 3.81
C ASN B 183 -5.87 -33.96 3.88
N ARG B 184 -5.41 -34.16 5.12
CA ARG B 184 -4.07 -34.62 5.42
C ARG B 184 -2.97 -33.76 4.80
N GLY B 185 -3.25 -32.47 4.63
CA GLY B 185 -2.25 -31.53 4.16
C GLY B 185 -2.38 -31.14 2.70
N ASN B 186 -3.21 -31.88 1.96
CA ASN B 186 -3.56 -31.47 0.61
C ASN B 186 -4.79 -30.60 0.70
N LEU B 187 -4.59 -29.36 1.15
CA LEU B 187 -5.69 -28.50 1.55
C LEU B 187 -6.68 -28.22 0.41
N ARG B 188 -7.95 -28.03 0.76
CA ARG B 188 -8.99 -27.79 -0.22
C ARG B 188 -9.86 -26.66 0.32
N SER B 189 -10.11 -25.66 -0.50
CA SER B 189 -10.91 -24.51 -0.09
C SER B 189 -12.35 -24.95 0.21
N ALA B 190 -12.92 -24.38 1.27
CA ALA B 190 -14.26 -24.80 1.72
C ALA B 190 -14.95 -23.67 2.48
N ILE B 191 -16.26 -23.73 2.53
CA ILE B 191 -17.02 -22.83 3.38
C ILE B 191 -18.21 -23.58 3.93
N THR B 192 -18.52 -23.35 5.20
CA THR B 192 -19.71 -23.94 5.81
C THR B 192 -20.66 -22.80 6.13
N VAL B 193 -21.93 -22.91 5.70
CA VAL B 193 -22.86 -21.79 5.86
C VAL B 193 -23.94 -22.12 6.88
N PHE B 194 -23.93 -21.42 8.01
CA PHE B 194 -24.90 -21.65 9.07
C PHE B 194 -26.14 -20.78 8.84
N PRO B 195 -27.23 -20.99 9.62
CA PRO B 195 -28.50 -20.28 9.34
C PRO B 195 -28.39 -18.77 9.26
N GLN B 196 -29.17 -18.20 8.35
CA GLN B 196 -29.13 -16.77 8.07
C GLN B 196 -29.68 -16.01 9.27
N ARG B 197 -29.38 -14.72 9.33
CA ARG B 197 -29.99 -13.82 10.30
C ARG B 197 -31.50 -13.74 10.08
N ALA B 198 -32.22 -13.51 11.16
CA ALA B 198 -33.67 -13.37 11.12
C ALA B 198 -34.09 -12.26 12.05
N PRO B 199 -35.03 -11.41 11.61
CA PRO B 199 -35.56 -10.28 12.37
C PRO B 199 -35.96 -10.63 13.80
N GLY B 200 -35.42 -9.89 14.75
CA GLY B 200 -35.81 -10.05 16.15
C GLY B 200 -35.36 -11.33 16.85
N ARG B 201 -34.38 -12.03 16.29
CA ARG B 201 -33.71 -13.07 17.09
C ARG B 201 -32.21 -12.92 16.98
N GLY B 202 -31.51 -13.43 17.98
CA GLY B 202 -30.06 -13.41 17.99
C GLY B 202 -29.46 -14.16 16.81
N ASP B 203 -28.23 -13.81 16.49
CA ASP B 203 -27.49 -14.47 15.40
C ASP B 203 -26.84 -15.77 15.83
N PHE B 204 -26.73 -16.71 14.89
CA PHE B 204 -25.76 -17.80 15.03
C PHE B 204 -24.39 -17.11 14.89
N ARG B 205 -23.43 -17.43 15.75
CA ARG B 205 -22.10 -16.79 15.70
C ARG B 205 -21.02 -17.74 16.14
N ILE B 206 -19.86 -17.64 15.51
CA ILE B 206 -18.67 -18.28 16.03
C ILE B 206 -17.89 -17.14 16.68
N TRP B 207 -17.57 -17.26 17.97
CA TRP B 207 -16.90 -16.13 18.63
C TRP B 207 -15.44 -16.00 18.23
N ASN B 208 -14.80 -17.12 17.90
CA ASN B 208 -13.41 -17.09 17.47
C ASN B 208 -13.29 -16.37 16.14
N SER B 209 -12.15 -15.71 15.92
CA SER B 209 -11.96 -15.02 14.64
C SER B 209 -11.44 -15.99 13.58
N GLN B 210 -10.81 -17.08 14.02
CA GLN B 210 -10.43 -18.15 13.11
C GLN B 210 -10.78 -19.48 13.75
N LEU B 211 -10.99 -20.53 12.95
CA LEU B 211 -11.34 -21.83 13.55
C LEU B 211 -10.15 -22.37 14.34
N VAL B 212 -8.95 -22.11 13.84
CA VAL B 212 -7.75 -22.56 14.53
C VAL B 212 -6.90 -21.33 14.83
N ARG B 213 -6.62 -21.11 16.12
CA ARG B 213 -5.77 -19.99 16.53
C ARG B 213 -5.17 -20.26 17.91
N TYR B 214 -4.01 -19.67 18.17
CA TYR B 214 -3.30 -19.92 19.42
C TYR B 214 -3.66 -18.90 20.51
N ALA B 215 -3.67 -19.39 21.74
CA ALA B 215 -4.03 -18.59 22.90
C ALA B 215 -2.99 -17.53 23.17
N GLY B 216 -3.39 -16.50 23.90
CA GLY B 216 -2.49 -15.48 24.39
C GLY B 216 -2.81 -15.25 25.84
N TYR B 217 -1.85 -15.51 26.72
CA TYR B 217 -2.04 -15.43 28.16
C TYR B 217 -1.31 -14.22 28.71
N ARG B 218 -2.07 -13.27 29.24
CA ARG B 218 -1.50 -12.05 29.80
C ARG B 218 -0.85 -12.37 31.13
N GLN B 219 0.48 -12.25 31.18
CA GLN B 219 1.26 -12.62 32.37
C GLN B 219 1.27 -11.50 33.41
N GLN B 220 1.66 -11.85 34.64
CA GLN B 220 1.61 -10.94 35.78
C GLN B 220 2.38 -9.62 35.56
N ASP B 221 3.45 -9.66 34.77
CA ASP B 221 4.22 -8.46 34.47
C ASP B 221 3.72 -7.73 33.23
N GLY B 222 2.62 -8.21 32.65
CA GLY B 222 1.99 -7.51 31.56
C GLY B 222 2.52 -7.85 30.17
N SER B 223 3.42 -8.82 30.09
CA SER B 223 3.79 -9.38 28.78
C SER B 223 2.73 -10.40 28.36
N VAL B 224 2.96 -11.05 27.23
CA VAL B 224 2.06 -12.10 26.76
C VAL B 224 2.79 -13.37 26.37
N ARG B 225 2.40 -14.48 26.98
CA ARG B 225 2.83 -15.79 26.52
C ARG B 225 1.81 -16.24 25.46
N GLY B 226 2.28 -16.57 24.26
CA GLY B 226 1.37 -16.94 23.18
C GLY B 226 1.14 -15.81 22.18
N ASP B 227 -0.10 -15.69 21.70
CA ASP B 227 -0.42 -14.77 20.61
C ASP B 227 -1.20 -13.57 21.14
N PRO B 228 -0.57 -12.38 21.14
CA PRO B 228 -1.18 -11.17 21.73
C PRO B 228 -2.45 -10.75 21.02
N ALA B 229 -2.62 -11.23 19.79
CA ALA B 229 -3.82 -10.91 19.02
C ALA B 229 -5.05 -11.57 19.65
N ASN B 230 -4.83 -12.52 20.56
CA ASN B 230 -5.93 -13.37 21.01
C ASN B 230 -6.15 -13.35 22.50
N VAL B 231 -5.61 -12.33 23.17
CA VAL B 231 -5.73 -12.22 24.62
C VAL B 231 -7.18 -12.20 25.03
N GLU B 232 -8.00 -11.48 24.28
CA GLU B 232 -9.39 -11.29 24.69
C GLU B 232 -10.20 -12.57 24.53
N ILE B 233 -10.17 -13.16 23.34
CA ILE B 233 -10.88 -14.43 23.12
C ILE B 233 -10.38 -15.53 24.06
N THR B 234 -9.08 -15.52 24.37
CA THR B 234 -8.54 -16.49 25.31
C THR B 234 -9.21 -16.31 26.68
N GLU B 235 -9.32 -15.06 27.13
CA GLU B 235 -9.91 -14.77 28.44
C GLU B 235 -11.39 -15.14 28.46
N LEU B 236 -12.07 -14.96 27.33
CA LEU B 236 -13.48 -15.30 27.23
C LEU B 236 -13.69 -16.80 27.35
N CYS B 237 -12.82 -17.57 26.68
CA CYS B 237 -12.84 -19.03 26.79
C CYS B 237 -12.68 -19.51 28.25
N ILE B 238 -11.68 -18.96 28.95
CA ILE B 238 -11.45 -19.31 30.36
C ILE B 238 -12.67 -18.96 31.22
N GLN B 239 -13.21 -17.76 31.00
CA GLN B 239 -14.36 -17.33 31.78
C GLN B 239 -15.59 -18.23 31.51
N HIS B 240 -15.63 -18.82 30.32
CA HIS B 240 -16.69 -19.78 30.00
C HIS B 240 -16.30 -21.24 30.33
N GLY B 241 -15.29 -21.40 31.20
CA GLY B 241 -14.98 -22.71 31.76
C GLY B 241 -13.81 -23.48 31.18
N TRP B 242 -13.13 -22.93 30.18
CA TRP B 242 -11.98 -23.62 29.62
C TRP B 242 -10.86 -23.66 30.62
N THR B 243 -10.24 -24.83 30.77
CA THR B 243 -9.01 -24.95 31.54
C THR B 243 -7.87 -24.61 30.56
N PRO B 244 -7.14 -23.52 30.84
CA PRO B 244 -6.12 -23.03 29.91
C PRO B 244 -4.79 -23.76 30.03
N GLY B 245 -4.10 -23.94 28.91
CA GLY B 245 -2.73 -24.42 28.93
C GLY B 245 -1.81 -23.29 29.35
N ASN B 246 -0.52 -23.40 29.05
CA ASN B 246 0.41 -22.33 29.38
C ASN B 246 1.58 -22.26 28.41
N GLY B 247 1.33 -22.67 27.17
CA GLY B 247 2.36 -22.66 26.14
C GLY B 247 2.23 -21.50 25.17
N ARG B 248 3.17 -21.43 24.23
CA ARG B 248 3.17 -20.36 23.23
C ARG B 248 2.22 -20.69 22.09
N PHE B 249 1.82 -21.96 21.99
CA PHE B 249 1.01 -22.39 20.85
C PHE B 249 -0.12 -23.32 21.27
N ASP B 250 -0.89 -22.89 22.26
CA ASP B 250 -2.02 -23.69 22.72
C ASP B 250 -3.19 -23.38 21.79
N VAL B 251 -3.70 -24.41 21.12
CA VAL B 251 -4.84 -24.22 20.21
C VAL B 251 -6.09 -23.86 21.02
N LEU B 252 -6.79 -22.80 20.62
CA LEU B 252 -7.95 -22.34 21.38
C LEU B 252 -9.16 -23.24 21.15
N PRO B 253 -10.02 -23.40 22.18
CA PRO B 253 -11.29 -24.08 21.96
C PRO B 253 -12.24 -23.15 21.21
N LEU B 254 -13.31 -23.69 20.64
CA LEU B 254 -14.30 -22.85 19.96
C LEU B 254 -15.39 -22.40 20.90
N LEU B 255 -15.72 -21.11 20.85
CA LEU B 255 -16.92 -20.60 21.52
C LEU B 255 -17.98 -20.43 20.44
N LEU B 256 -19.05 -21.22 20.52
CA LEU B 256 -20.06 -21.23 19.47
C LEU B 256 -21.39 -20.80 20.04
N GLN B 257 -22.08 -19.90 19.34
CA GLN B 257 -23.32 -19.36 19.87
C GLN B 257 -24.52 -19.62 18.97
N ALA B 258 -25.54 -20.28 19.54
CA ALA B 258 -26.83 -20.42 18.90
C ALA B 258 -27.66 -19.24 19.38
N PRO B 259 -28.69 -18.83 18.60
CA PRO B 259 -29.46 -17.59 18.83
C PRO B 259 -29.97 -17.38 20.28
N ASP B 260 -29.66 -16.21 20.83
CA ASP B 260 -30.19 -15.80 22.14
C ASP B 260 -29.81 -16.77 23.26
N GLU B 261 -28.66 -17.41 23.09
CA GLU B 261 -28.15 -18.37 24.07
C GLU B 261 -26.72 -17.98 24.38
N ALA B 262 -26.30 -18.22 25.63
CA ALA B 262 -24.89 -18.10 25.98
C ALA B 262 -24.09 -19.00 25.05
N PRO B 263 -22.86 -18.58 24.67
CA PRO B 263 -22.04 -19.41 23.79
C PRO B 263 -21.54 -20.65 24.52
N GLU B 264 -21.26 -21.72 23.80
CA GLU B 264 -20.78 -22.95 24.43
C GLU B 264 -19.36 -23.26 24.00
N LEU B 265 -18.65 -23.98 24.85
CA LEU B 265 -17.23 -24.21 24.67
C LEU B 265 -17.01 -25.62 24.09
N PHE B 266 -16.20 -25.72 23.05
CA PHE B 266 -15.91 -27.03 22.45
C PHE B 266 -14.43 -27.15 22.15
N VAL B 267 -13.77 -28.15 22.71
CA VAL B 267 -12.36 -28.38 22.41
C VAL B 267 -12.22 -29.15 21.09
N LEU B 268 -11.47 -28.57 20.15
CA LEU B 268 -11.17 -29.29 18.91
C LEU B 268 -10.31 -30.50 19.21
N PRO B 269 -10.71 -31.67 18.71
CA PRO B 269 -9.89 -32.88 18.87
C PRO B 269 -8.54 -32.66 18.21
N PRO B 270 -7.45 -32.82 18.97
CA PRO B 270 -6.08 -32.55 18.50
C PRO B 270 -5.77 -33.21 17.16
N GLU B 271 -6.27 -34.42 16.95
CA GLU B 271 -6.02 -35.13 15.70
C GLU B 271 -6.60 -34.41 14.49
N LEU B 272 -7.55 -33.51 14.70
CA LEU B 272 -8.14 -32.74 13.60
C LEU B 272 -7.28 -31.54 13.22
N VAL B 273 -6.48 -31.04 14.17
CA VAL B 273 -5.72 -29.83 13.96
C VAL B 273 -4.29 -30.12 13.48
N LEU B 274 -4.08 -30.04 12.18
CA LEU B 274 -2.76 -30.31 11.61
C LEU B 274 -1.84 -29.12 11.86
N GLU B 275 -0.66 -29.40 12.40
CA GLU B 275 0.31 -28.36 12.63
C GLU B 275 1.63 -28.72 11.99
N VAL B 276 2.46 -27.69 11.79
CA VAL B 276 3.72 -27.82 11.08
C VAL B 276 4.85 -27.24 11.93
N PRO B 277 5.75 -28.10 12.42
CA PRO B 277 6.99 -27.68 13.10
C PRO B 277 7.85 -26.84 12.15
N LEU B 278 8.38 -25.71 12.61
CA LEU B 278 9.21 -24.87 11.76
C LEU B 278 10.68 -25.20 11.91
N GLU B 279 11.30 -25.56 10.78
CA GLU B 279 12.75 -25.73 10.73
C GLU B 279 13.26 -24.99 9.50
N HIS B 280 14.58 -24.80 9.45
CA HIS B 280 15.19 -24.05 8.37
C HIS B 280 16.09 -24.97 7.55
N PRO B 281 16.12 -24.77 6.22
CA PRO B 281 16.90 -25.66 5.35
C PRO B 281 18.39 -25.69 5.67
N THR B 282 18.96 -24.59 6.16
CA THR B 282 20.40 -24.56 6.44
C THR B 282 20.76 -24.18 7.88
N LEU B 283 19.89 -23.41 8.52
CA LEU B 283 20.15 -22.95 9.88
C LEU B 283 19.65 -24.00 10.89
N GLU B 284 20.56 -24.88 11.30
CA GLU B 284 20.21 -26.04 12.12
C GLU B 284 19.62 -25.62 13.47
N TRP B 285 20.02 -24.44 13.95
CA TRP B 285 19.53 -23.95 15.24
C TRP B 285 18.06 -23.53 15.22
N PHE B 286 17.53 -23.26 14.03
CA PHE B 286 16.19 -22.68 13.91
C PHE B 286 15.11 -23.57 14.52
N ALA B 287 15.20 -24.88 14.29
CA ALA B 287 14.21 -25.80 14.85
C ALA B 287 14.16 -25.70 16.39
N ALA B 288 15.30 -25.36 16.98
CA ALA B 288 15.40 -25.24 18.43
C ALA B 288 14.61 -24.05 18.98
N LEU B 289 14.11 -23.19 18.10
CA LEU B 289 13.22 -22.13 18.56
C LEU B 289 11.87 -22.68 19.04
N GLY B 290 11.55 -23.93 18.67
CA GLY B 290 10.27 -24.54 19.06
C GLY B 290 9.06 -23.89 18.42
N LEU B 291 9.29 -23.20 17.30
CA LEU B 291 8.23 -22.53 16.57
C LEU B 291 7.40 -23.51 15.76
N ARG B 292 6.12 -23.20 15.56
CA ARG B 292 5.23 -24.06 14.78
C ARG B 292 4.02 -23.24 14.32
N TRP B 293 3.34 -23.72 13.28
CA TRP B 293 2.11 -23.08 12.89
C TRP B 293 1.09 -24.09 12.38
N TYR B 294 -0.19 -23.72 12.41
CA TYR B 294 -1.26 -24.64 12.01
C TYR B 294 -1.47 -24.57 10.51
N ALA B 295 -1.98 -25.66 9.93
CA ALA B 295 -2.08 -25.77 8.48
C ALA B 295 -3.23 -24.96 7.89
N LEU B 296 -4.36 -24.92 8.60
CA LEU B 296 -5.62 -24.45 8.04
C LEU B 296 -5.94 -23.01 8.39
N PRO B 297 -5.92 -22.12 7.39
CA PRO B 297 -6.28 -20.71 7.62
C PRO B 297 -7.77 -20.57 7.38
N ALA B 298 -8.53 -20.40 8.45
CA ALA B 298 -9.98 -20.44 8.33
C ALA B 298 -10.63 -19.26 9.04
N VAL B 299 -11.18 -18.31 8.28
CA VAL B 299 -11.81 -17.14 8.88
C VAL B 299 -13.22 -17.48 9.35
N SER B 300 -13.55 -17.10 10.60
CA SER B 300 -14.83 -17.52 11.17
C SER B 300 -15.67 -16.37 11.71
N ASN B 301 -15.18 -15.13 11.57
CA ASN B 301 -15.85 -13.95 12.13
C ASN B 301 -16.54 -13.04 11.11
N MET B 302 -16.56 -13.44 9.84
CA MET B 302 -17.08 -12.56 8.80
C MET B 302 -18.50 -12.91 8.43
N LEU B 303 -19.20 -11.91 7.91
CA LEU B 303 -20.59 -12.05 7.52
C LEU B 303 -20.66 -12.24 6.02
N LEU B 304 -21.37 -13.27 5.58
CA LEU B 304 -21.54 -13.49 4.15
C LEU B 304 -22.91 -12.97 3.76
N GLU B 305 -22.94 -11.99 2.86
CA GLU B 305 -24.20 -11.41 2.40
C GLU B 305 -24.47 -11.86 0.98
N ILE B 306 -25.65 -12.45 0.77
CA ILE B 306 -26.05 -12.93 -0.54
C ILE B 306 -27.50 -12.52 -0.79
N GLY B 307 -27.74 -11.81 -1.89
CA GLY B 307 -29.09 -11.42 -2.28
C GLY B 307 -29.87 -10.71 -1.19
N GLY B 308 -29.16 -10.03 -0.30
CA GLY B 308 -29.82 -9.28 0.76
C GLY B 308 -29.98 -10.11 2.02
N LEU B 309 -29.74 -11.42 1.90
CA LEU B 309 -29.74 -12.28 3.07
C LEU B 309 -28.36 -12.24 3.72
N GLU B 310 -28.32 -12.29 5.05
CA GLU B 310 -27.03 -12.24 5.74
C GLU B 310 -26.76 -13.50 6.56
N PHE B 311 -25.57 -14.07 6.36
CA PHE B 311 -25.16 -15.27 7.11
C PHE B 311 -24.03 -14.90 8.08
N SER B 312 -24.40 -14.73 9.36
CA SER B 312 -23.50 -14.21 10.38
C SER B 312 -22.45 -15.23 10.83
N ALA B 313 -22.69 -16.50 10.53
CA ALA B 313 -21.71 -17.55 10.77
C ALA B 313 -21.52 -18.33 9.48
N ALA B 314 -20.35 -18.16 8.85
CA ALA B 314 -20.08 -18.83 7.58
C ALA B 314 -18.58 -18.92 7.43
N PRO B 315 -17.94 -19.75 8.25
CA PRO B 315 -16.47 -19.83 8.27
C PRO B 315 -15.97 -20.34 6.93
N PHE B 316 -14.90 -19.73 6.42
CA PHE B 316 -14.29 -20.21 5.18
C PHE B 316 -12.81 -20.50 5.36
N SER B 317 -12.25 -21.36 4.52
CA SER B 317 -10.81 -21.64 4.59
C SER B 317 -10.20 -21.93 3.23
N GLY B 318 -8.94 -21.52 3.06
CA GLY B 318 -8.20 -21.87 1.85
C GLY B 318 -6.90 -22.55 2.22
N TRP B 319 -5.80 -21.98 1.73
CA TRP B 319 -4.48 -22.34 2.25
C TRP B 319 -3.67 -21.06 2.43
N TYR B 320 -2.65 -21.13 3.28
CA TYR B 320 -1.85 -19.96 3.60
C TYR B 320 -0.98 -19.50 2.45
N MET B 321 -0.83 -18.19 2.33
CA MET B 321 0.30 -17.61 1.63
C MET B 321 1.38 -17.42 2.68
N SER B 322 2.60 -17.85 2.38
CA SER B 322 3.65 -17.95 3.41
C SER B 322 3.90 -16.68 4.22
N THR B 323 3.75 -15.50 3.61
CA THR B 323 4.05 -14.27 4.35
C THR B 323 3.08 -14.01 5.50
N GLU B 324 1.86 -14.56 5.42
CA GLU B 324 0.87 -14.36 6.49
C GLU B 324 1.48 -14.94 7.77
N ILE B 325 2.12 -16.10 7.64
CA ILE B 325 2.78 -16.75 8.77
C ILE B 325 4.15 -16.15 9.07
N GLY B 326 5.01 -16.15 8.05
CA GLY B 326 6.41 -15.78 8.25
C GLY B 326 6.62 -14.34 8.62
N THR B 327 5.87 -13.45 7.96
CA THR B 327 6.06 -12.03 8.17
C THR B 327 5.08 -11.48 9.21
N ARG B 328 3.78 -11.61 8.95
CA ARG B 328 2.78 -11.01 9.84
C ARG B 328 2.67 -11.72 11.20
N ASN B 329 2.30 -13.00 11.19
CA ASN B 329 2.09 -13.74 12.44
C ASN B 329 3.31 -13.85 13.33
N LEU B 330 4.48 -14.07 12.74
CA LEU B 330 5.69 -14.29 13.54
C LEU B 330 6.51 -13.00 13.74
N CYS B 331 6.41 -12.05 12.81
CA CYS B 331 7.27 -10.86 12.91
C CYS B 331 6.62 -9.53 13.30
N ASP B 332 5.29 -9.42 13.20
CA ASP B 332 4.60 -8.20 13.65
C ASP B 332 4.97 -7.89 15.09
N PRO B 333 5.21 -6.61 15.39
CA PRO B 333 5.58 -6.20 16.75
C PRO B 333 4.51 -6.57 17.77
N HIS B 334 3.26 -6.69 17.31
CA HIS B 334 2.15 -6.98 18.23
C HIS B 334 1.66 -8.42 18.07
N ARG B 335 2.49 -9.24 17.42
CA ARG B 335 2.25 -10.68 17.38
C ARG B 335 3.40 -11.41 18.08
N TYR B 336 3.89 -12.51 17.50
CA TYR B 336 4.94 -13.27 18.16
C TYR B 336 6.26 -12.51 18.21
N ASN B 337 6.45 -11.58 17.28
CA ASN B 337 7.54 -10.59 17.38
C ASN B 337 8.92 -11.24 17.59
N ILE B 338 9.27 -12.20 16.73
CA ILE B 338 10.48 -13.00 16.92
C ILE B 338 11.71 -12.48 16.17
N LEU B 339 11.57 -11.33 15.52
CA LEU B 339 12.63 -10.76 14.68
C LEU B 339 13.95 -10.67 15.45
N GLU B 340 13.92 -10.02 16.60
CA GLU B 340 15.17 -9.83 17.35
C GLU B 340 15.81 -11.15 17.74
N ASP B 341 15.01 -12.08 18.26
CA ASP B 341 15.51 -13.42 18.63
C ASP B 341 16.23 -14.12 17.46
N VAL B 342 15.58 -14.14 16.29
CA VAL B 342 16.18 -14.77 15.13
C VAL B 342 17.46 -14.04 14.76
N ALA B 343 17.43 -12.71 14.73
CA ALA B 343 18.60 -11.95 14.31
C ALA B 343 19.81 -12.22 15.22
N VAL B 344 19.53 -12.42 16.50
CA VAL B 344 20.59 -12.70 17.47
C VAL B 344 21.15 -14.10 17.22
N CAS B 345 20.27 -15.06 16.92
CA CAS B 345 20.72 -16.40 16.57
CB CAS B 345 19.53 -17.31 16.28
C CAS B 345 21.60 -16.34 15.32
O CAS B 345 22.52 -17.14 15.17
SG CAS B 345 18.43 -17.62 17.68
AS CAS B 345 19.90 -19.11 18.82
CE1 CAS B 345 18.66 -20.60 19.29
CE2 CAS B 345 20.45 -17.78 20.20
N MET B 346 21.31 -15.38 14.44
CA MET B 346 22.08 -15.19 13.22
C MET B 346 23.31 -14.31 13.47
N ASP B 347 23.51 -13.93 14.73
CA ASP B 347 24.59 -13.02 15.11
C ASP B 347 24.65 -11.75 14.25
N LEU B 348 23.48 -11.21 13.93
CA LEU B 348 23.41 -9.96 13.19
C LEU B 348 23.64 -8.79 14.14
N ASP B 349 23.95 -7.62 13.60
CA ASP B 349 24.13 -6.43 14.41
C ASP B 349 22.79 -5.74 14.64
N THR B 350 22.20 -6.00 15.80
CA THR B 350 20.91 -5.44 16.19
C THR B 350 21.05 -3.99 16.71
N ARG B 351 22.29 -3.53 16.88
CA ARG B 351 22.51 -2.18 17.41
C ARG B 351 21.99 -1.08 16.49
N THR B 352 21.98 -1.32 15.18
CA THR B 352 21.59 -0.29 14.23
C THR B 352 20.63 -0.77 13.15
N THR B 353 19.84 0.14 12.61
CA THR B 353 18.83 -0.22 11.61
C THR B 353 19.47 -0.49 10.25
N SER B 354 20.61 0.16 10.00
CA SER B 354 21.23 0.17 8.68
C SER B 354 21.98 -1.11 8.35
N SER B 355 22.03 -2.04 9.30
CA SER B 355 22.59 -3.35 9.02
C SER B 355 21.51 -4.22 8.36
N LEU B 356 20.28 -3.71 8.37
CA LEU B 356 19.13 -4.41 7.80
C LEU B 356 18.94 -5.78 8.46
N TRP B 357 19.32 -5.87 9.74
CA TRP B 357 19.10 -7.11 10.50
C TRP B 357 17.64 -7.58 10.46
N LYS B 358 16.70 -6.64 10.51
CA LYS B 358 15.29 -7.02 10.44
C LYS B 358 14.93 -7.64 9.10
N ASP B 359 15.39 -7.03 8.01
CA ASP B 359 15.09 -7.52 6.68
C ASP B 359 15.68 -8.91 6.51
N LYS B 360 16.88 -9.11 7.05
CA LYS B 360 17.57 -10.38 6.88
C LYS B 360 16.87 -11.50 7.66
N ALA B 361 16.54 -11.23 8.92
CA ALA B 361 15.84 -12.22 9.74
C ALA B 361 14.50 -12.56 9.12
N ALA B 362 13.77 -11.54 8.68
CA ALA B 362 12.45 -11.79 8.14
C ALA B 362 12.52 -12.74 6.93
N VAL B 363 13.50 -12.53 6.04
CA VAL B 363 13.65 -13.44 4.91
C VAL B 363 13.87 -14.90 5.34
N GLU B 364 14.76 -15.12 6.29
CA GLU B 364 15.01 -16.49 6.76
C GLU B 364 13.79 -17.12 7.42
N ILE B 365 12.99 -16.31 8.11
CA ILE B 365 11.78 -16.82 8.73
C ILE B 365 10.77 -17.28 7.69
N ASN B 366 10.56 -16.46 6.66
CA ASN B 366 9.65 -16.83 5.58
C ASN B 366 10.18 -18.07 4.84
N LEU B 367 11.49 -18.16 4.71
CA LEU B 367 12.11 -19.32 4.06
C LEU B 367 11.86 -20.57 4.88
N ALA B 368 11.89 -20.41 6.21
CA ALA B 368 11.67 -21.55 7.10
C ALA B 368 10.22 -22.01 7.00
N VAL B 369 9.30 -21.06 6.88
CA VAL B 369 7.89 -21.42 6.75
C VAL B 369 7.66 -22.20 5.45
N LEU B 370 8.19 -21.72 4.31
CA LEU B 370 8.01 -22.44 3.05
C LEU B 370 8.63 -23.83 3.08
N HIS B 371 9.87 -23.89 3.55
CA HIS B 371 10.58 -25.17 3.67
C HIS B 371 9.83 -26.17 4.54
N SER B 372 9.38 -25.72 5.70
CA SER B 372 8.73 -26.63 6.65
C SER B 372 7.39 -27.14 6.16
N PHE B 373 6.58 -26.27 5.57
CA PHE B 373 5.33 -26.74 4.97
C PHE B 373 5.58 -27.73 3.80
N GLN B 374 6.59 -27.46 2.97
CA GLN B 374 6.93 -28.36 1.86
C GLN B 374 7.43 -29.71 2.36
N LEU B 375 8.28 -29.67 3.38
CA LEU B 375 8.76 -30.88 4.03
C LEU B 375 7.59 -31.66 4.64
N ALA B 376 6.58 -30.94 5.14
CA ALA B 376 5.45 -31.60 5.78
C ALA B 376 4.37 -32.02 4.79
N LYS B 377 4.55 -31.66 3.52
CA LYS B 377 3.56 -31.91 2.47
C LYS B 377 2.25 -31.24 2.85
N VAL B 378 2.31 -29.98 3.28
CA VAL B 378 1.09 -29.21 3.53
C VAL B 378 1.03 -28.07 2.53
N THR B 379 -0.12 -27.92 1.88
CA THR B 379 -0.28 -26.91 0.83
C THR B 379 0.07 -25.53 1.33
N ILE B 380 0.91 -24.81 0.58
CA ILE B 380 1.23 -23.42 0.87
C ILE B 380 1.67 -22.72 -0.41
N VAL B 381 1.48 -21.40 -0.49
CA VAL B 381 1.92 -20.66 -1.67
C VAL B 381 2.81 -19.50 -1.23
N ASP B 382 3.97 -19.35 -1.86
CA ASP B 382 4.80 -18.20 -1.53
C ASP B 382 4.23 -16.95 -2.19
N HIS B 383 4.70 -15.78 -1.74
CA HIS B 383 4.13 -14.51 -2.20
C HIS B 383 4.42 -14.16 -3.66
N HIS B 384 5.48 -14.73 -4.24
CA HIS B 384 5.79 -14.51 -5.66
C HIS B 384 4.82 -15.31 -6.50
N ALA B 385 4.68 -16.60 -6.19
CA ALA B 385 3.76 -17.45 -6.92
C ALA B 385 2.33 -16.93 -6.79
N ALA B 386 1.95 -16.53 -5.57
CA ALA B 386 0.61 -16.02 -5.33
C ALA B 386 0.31 -14.76 -6.15
N THR B 387 1.23 -13.80 -6.11
CA THR B 387 1.00 -12.54 -6.81
C THR B 387 1.02 -12.74 -8.32
N VAL B 388 1.86 -13.64 -8.81
CA VAL B 388 1.81 -13.99 -10.23
C VAL B 388 0.46 -14.57 -10.64
N SER B 389 -0.08 -15.47 -9.82
CA SER B 389 -1.38 -16.05 -10.18
C SER B 389 -2.49 -14.98 -10.05
N PHE B 390 -2.33 -14.05 -9.12
CA PHE B 390 -3.32 -12.97 -9.00
C PHE B 390 -3.36 -12.09 -10.25
N MET B 391 -2.18 -11.79 -10.80
CA MET B 391 -2.11 -11.04 -12.06
C MET B 391 -2.87 -11.77 -13.17
N LYS B 392 -2.68 -13.08 -13.25
CA LYS B 392 -3.39 -13.89 -14.25
C LYS B 392 -4.90 -13.76 -14.01
N HIS B 393 -5.29 -13.74 -12.74
CA HIS B 393 -6.68 -13.59 -12.35
C HIS B 393 -7.27 -12.23 -12.80
N LEU B 394 -6.51 -11.15 -12.61
CA LEU B 394 -6.90 -9.82 -13.10
C LEU B 394 -7.18 -9.85 -14.59
N ASP B 395 -6.32 -10.52 -15.32
CA ASP B 395 -6.52 -10.68 -16.75
C ASP B 395 -7.79 -11.48 -17.07
N ASN B 396 -7.99 -12.59 -16.37
CA ASN B 396 -9.20 -13.39 -16.59
C ASN B 396 -10.45 -12.56 -16.36
N GLU B 397 -10.44 -11.82 -15.24
CA GLU B 397 -11.61 -11.05 -14.82
C GLU B 397 -11.85 -9.86 -15.72
N GLN B 398 -10.77 -9.28 -16.26
CA GLN B 398 -10.89 -8.20 -17.23
C GLN B 398 -11.71 -8.66 -18.43
N LYS B 399 -11.42 -9.86 -18.92
CA LYS B 399 -12.12 -10.41 -20.09
C LYS B 399 -13.52 -10.86 -19.74
N ALA B 400 -13.67 -11.38 -18.53
CA ALA B 400 -14.92 -11.97 -18.09
C ALA B 400 -15.95 -10.92 -17.67
N ARG B 401 -15.50 -9.93 -16.90
CA ARG B 401 -16.39 -8.97 -16.24
C ARG B 401 -16.05 -7.51 -16.44
N GLY B 402 -14.95 -7.22 -17.15
CA GLY B 402 -14.56 -5.84 -17.38
C GLY B 402 -13.82 -5.17 -16.23
N GLY B 403 -13.35 -5.97 -15.27
CA GLY B 403 -12.55 -5.43 -14.19
C GLY B 403 -12.45 -6.40 -13.02
N CYS B 404 -11.89 -5.91 -11.91
CA CYS B 404 -11.79 -6.72 -10.69
C CYS B 404 -11.51 -5.81 -9.50
N PRO B 405 -12.41 -5.79 -8.50
CA PRO B 405 -12.16 -4.97 -7.31
C PRO B 405 -10.97 -5.51 -6.53
N ALA B 406 -10.00 -4.65 -6.26
CA ALA B 406 -8.79 -5.09 -5.57
C ALA B 406 -8.29 -4.00 -4.65
N ASP B 407 -7.89 -4.41 -3.44
CA ASP B 407 -7.34 -3.49 -2.45
C ASP B 407 -5.82 -3.63 -2.46
N TRP B 408 -5.17 -2.69 -3.13
CA TRP B 408 -3.72 -2.71 -3.36
C TRP B 408 -2.92 -2.93 -2.06
N ALA B 409 -3.32 -2.23 -1.00
CA ALA B 409 -2.59 -2.28 0.27
C ALA B 409 -2.56 -3.68 0.85
N TRP B 410 -3.56 -4.48 0.51
CA TRP B 410 -3.70 -5.84 1.04
C TRP B 410 -3.16 -6.89 0.07
N ILE B 411 -3.23 -6.59 -1.22
CA ILE B 411 -2.76 -7.53 -2.24
C ILE B 411 -1.23 -7.54 -2.28
N VAL B 412 -0.62 -6.37 -2.13
CA VAL B 412 0.83 -6.27 -2.10
C VAL B 412 1.36 -6.92 -0.81
N PRO B 413 2.24 -7.93 -0.96
CA PRO B 413 2.77 -8.69 0.18
C PRO B 413 3.52 -7.78 1.14
N PRO B 414 3.62 -8.17 2.42
CA PRO B 414 4.21 -7.34 3.48
C PRO B 414 5.74 -7.30 3.54
N ILE B 415 6.43 -8.19 2.81
CA ILE B 415 7.86 -8.05 2.52
C ILE B 415 8.01 -8.07 1.02
N SER B 416 9.07 -7.44 0.50
CA SER B 416 9.42 -7.55 -0.91
C SER B 416 8.32 -7.09 -1.86
N GLY B 417 7.59 -6.06 -1.44
CA GLY B 417 6.50 -5.51 -2.23
C GLY B 417 6.77 -5.38 -3.72
N SER B 418 7.70 -4.50 -4.06
CA SER B 418 7.95 -4.14 -5.48
C SER B 418 8.69 -5.23 -6.24
N LEU B 419 9.08 -6.28 -5.54
CA LEU B 419 9.69 -7.45 -6.16
C LEU B 419 8.60 -8.34 -6.76
N THR B 420 7.35 -8.05 -6.44
CA THR B 420 6.21 -8.80 -6.99
C THR B 420 5.50 -7.92 -8.04
N PRO B 421 4.82 -8.55 -9.02
CA PRO B 421 4.19 -7.79 -10.11
C PRO B 421 3.00 -6.92 -9.68
N VAL B 422 2.30 -7.30 -8.61
CA VAL B 422 1.13 -6.53 -8.17
C VAL B 422 1.48 -5.11 -7.69
N PHE B 423 2.73 -4.90 -7.25
CA PHE B 423 3.15 -3.57 -6.80
C PHE B 423 2.95 -2.53 -7.89
N HIS B 424 3.32 -2.92 -9.11
CA HIS B 424 3.37 -1.98 -10.24
C HIS B 424 2.06 -1.94 -11.01
N GLN B 425 1.05 -2.63 -10.47
CA GLN B 425 -0.25 -2.74 -11.11
C GLN B 425 -1.24 -1.85 -10.37
N GLU B 426 -1.78 -0.84 -11.05
CA GLU B 426 -2.84 -0.04 -10.44
C GLU B 426 -4.10 -0.89 -10.24
N MET B 427 -4.87 -0.56 -9.20
CA MET B 427 -6.04 -1.35 -8.87
C MET B 427 -7.20 -0.43 -8.49
N VAL B 428 -8.42 -0.89 -8.75
CA VAL B 428 -9.61 -0.12 -8.43
C VAL B 428 -10.34 -0.90 -7.35
N ASN B 429 -10.76 -0.21 -6.29
CA ASN B 429 -11.43 -0.90 -5.19
C ASN B 429 -12.87 -0.44 -5.05
N TYR B 430 -13.77 -1.41 -4.86
CA TYR B 430 -15.20 -1.11 -4.75
C TYR B 430 -15.89 -2.36 -4.25
N ILE B 431 -17.14 -2.21 -3.83
CA ILE B 431 -17.85 -3.30 -3.19
C ILE B 431 -18.89 -3.89 -4.14
N LEU B 432 -18.74 -5.18 -4.45
CA LEU B 432 -19.75 -5.87 -5.26
C LEU B 432 -20.50 -6.82 -4.34
N SER B 433 -21.74 -7.14 -4.68
CA SER B 433 -22.48 -8.14 -3.90
C SER B 433 -22.76 -9.34 -4.79
N PRO B 434 -22.75 -10.56 -4.23
CA PRO B 434 -22.50 -11.06 -2.87
C PRO B 434 -21.14 -10.62 -2.31
N ALA B 435 -21.03 -10.52 -0.99
CA ALA B 435 -19.80 -10.00 -0.38
C ALA B 435 -19.53 -10.63 0.97
N PHE B 436 -18.26 -10.73 1.35
CA PHE B 436 -17.95 -10.93 2.76
C PHE B 436 -17.80 -9.57 3.42
N ARG B 437 -18.38 -9.41 4.61
CA ARG B 437 -18.24 -8.18 5.39
C ARG B 437 -17.73 -8.46 6.79
N TYR B 438 -17.10 -7.46 7.39
CA TYR B 438 -16.81 -7.49 8.81
C TYR B 438 -18.09 -7.30 9.61
N GLN B 439 -18.08 -7.77 10.85
CA GLN B 439 -19.21 -7.53 11.73
C GLN B 439 -18.65 -7.41 13.14
N PRO B 440 -19.43 -6.85 14.07
CA PRO B 440 -18.90 -6.63 15.42
C PRO B 440 -18.67 -7.94 16.15
N ASP B 441 -17.62 -8.00 16.97
CA ASP B 441 -17.43 -9.11 17.90
C ASP B 441 -18.70 -9.22 18.77
N PRO B 442 -19.25 -10.45 18.89
CA PRO B 442 -20.58 -10.71 19.49
C PRO B 442 -20.68 -10.40 20.97
N TRP B 443 -19.55 -10.15 21.63
CA TRP B 443 -19.57 -9.79 23.05
C TRP B 443 -19.53 -8.28 23.25
CHA HEM C . 8.66 11.96 -2.80
CHB HEM C . 11.92 11.10 0.71
CHC HEM C . 13.16 15.81 0.61
CHD HEM C . 9.10 16.75 -1.89
C1A HEM C . 9.56 11.31 -1.95
C2A HEM C . 9.82 9.88 -1.93
C3A HEM C . 10.72 9.64 -0.96
C4A HEM C . 11.05 10.90 -0.34
CMA HEM C . 11.30 8.26 -0.58
CAA HEM C . 9.17 8.84 -2.88
CBA HEM C . 9.57 9.15 -4.33
CGA HEM C . 9.40 7.95 -5.22
O1A HEM C . 9.37 6.81 -4.66
O2A HEM C . 9.31 8.12 -6.48
C1B HEM C . 12.55 12.30 0.97
C2B HEM C . 13.70 12.47 1.84
C3B HEM C . 14.05 13.76 1.84
C4B HEM C . 13.13 14.47 0.94
CMB HEM C . 14.36 11.35 2.65
CAB HEM C . 15.23 14.34 2.65
CBB HEM C . 15.30 15.64 2.98
C1C HEM C . 12.18 16.49 -0.10
C2C HEM C . 12.14 17.90 -0.37
C3C HEM C . 11.00 18.16 -1.07
C4C HEM C . 10.30 16.91 -1.24
CMC HEM C . 13.24 18.90 0.04
CAC HEM C . 10.47 19.52 -1.60
CBC HEM C . 10.82 20.71 -1.10
C1D HEM C . 8.63 15.58 -2.42
C2D HEM C . 7.55 15.46 -3.38
C3D HEM C . 7.41 13.97 -3.68
C4D HEM C . 8.41 13.32 -2.85
CMD HEM C . 6.71 16.60 -4.01
CAD HEM C . 6.41 13.32 -4.65
CBD HEM C . 7.21 13.04 -5.93
CGD HEM C . 6.41 12.26 -6.95
O1D HEM C . 6.98 11.88 -8.01
O2D HEM C . 5.18 12.03 -6.69
NA HEM C . 10.32 11.91 -0.96
NB HEM C . 12.22 13.54 0.41
NC HEM C . 11.04 15.91 -0.64
ND HEM C . 9.10 14.30 -2.13
FE HEM C . 10.60 13.93 -0.78
N1 H4B D . 5.66 4.25 -3.77
C2 H4B D . 6.73 5.07 -3.98
N2 H4B D . 7.39 5.59 -2.92
N3 H4B D . 7.12 5.35 -5.25
C4 H4B D . 6.47 4.83 -6.30
O4 H4B D . 6.86 5.10 -7.47
C4A H4B D . 5.37 4.01 -6.10
C8A H4B D . 4.97 3.73 -4.81
N5 H4B D . 4.70 3.46 -7.15
N8 H4B D . 3.90 2.92 -4.55
C6 H4B D . 3.32 3.04 -6.93
C7 H4B D . 3.14 2.27 -5.61
C9 H4B D . 2.77 2.25 -8.13
O9 H4B D . 3.62 1.16 -8.44
C10 H4B D . 1.37 1.71 -7.84
C11 H4B D . 0.77 1.04 -9.06
O10 H4B D . 0.53 2.80 -7.41
N01 OLW E . 12.23 13.91 -2.45
C02 OLW E . 12.00 13.00 -3.42
N03 OLW E . 13.02 13.20 -4.26
C04 OLW E . 13.88 14.16 -3.89
C05 OLW E . 13.34 14.63 -2.70
C1' OLW E . 7.88 9.71 -10.50
N11 OLW E . 14.45 12.47 -5.92
C12 OLW E . 13.20 12.48 -5.38
N13 OLW E . 12.17 11.78 -5.96
C14 OLW E . 12.42 11.08 -7.09
C15 OLW E . 13.70 11.08 -7.66
C16 OLW E . 14.73 11.80 -7.05
C17 OLW E . 11.32 10.29 -7.79
C18 OLW E . 10.08 11.16 -7.90
N19 OLW E . 8.99 10.36 -8.48
C2' OLW E . 7.25 10.64 -11.31
C20 OLW E . 9.22 10.05 -9.90
C3' OLW E . 6.00 10.36 -11.88
C4' OLW E . 5.37 9.14 -11.62
C5' OLW E . 6.01 8.21 -10.80
C6' OLW E . 7.25 8.49 -10.24
C7' OLW E . 5.44 11.25 -12.65
N8' OLW E . 4.92 12.06 -13.29
C ACT F . 15.12 11.50 7.36
O ACT F . 14.91 11.13 8.54
OXT ACT F . 16.27 11.53 6.86
CH3 ACT F . 13.94 11.91 6.52
O1 MTL G . 12.93 9.69 -20.56
C1 MTL G . 11.69 10.38 -20.36
C2 MTL G . 11.14 10.12 -18.97
O2 MTL G . 12.20 10.10 -17.99
C3 MTL G . 10.10 11.18 -18.61
O3 MTL G . 8.98 11.06 -19.50
C4 MTL G . 9.57 11.03 -17.19
O4 MTL G . 8.86 9.79 -17.11
C5 MTL G . 8.62 12.19 -16.85
O5 MTL G . 9.28 13.44 -17.11
C6 MTL G . 8.10 12.13 -15.40
O6 MTL G . 9.04 11.49 -14.53
C1 GOL H . 7.51 3.53 -11.68
O1 GOL H . 6.94 2.57 -12.52
C2 GOL H . 6.67 3.55 -10.42
O2 GOL H . 7.31 4.28 -9.39
C3 GOL H . 5.29 4.11 -10.73
O3 GOL H . 5.01 5.22 -9.90
ZN ZN I . -9.66 6.16 -1.90
CHA HEM J . -8.00 -12.36 2.62
CHB HEM J . -5.15 -15.55 0.36
CHC HEM J . -8.91 -18.64 -0.01
CHD HEM J . -11.87 -14.96 1.05
C1A HEM J . -6.87 -13.00 2.16
C2A HEM J . -5.49 -12.61 2.41
C3A HEM J . -4.70 -13.48 1.79
C4A HEM J . -5.55 -14.47 1.12
CMA HEM J . -3.16 -13.48 1.78
CAA HEM J . -5.03 -11.41 3.27
CBA HEM J . -5.48 -11.76 4.68
CGA HEM J . -4.68 -11.07 5.75
O1A HEM J . -3.46 -10.82 5.51
O2A HEM J . -5.26 -10.79 6.83
C1B HEM J . -5.89 -16.68 0.09
C2B HEM J . -5.40 -17.92 -0.50
C3B HEM J . -6.42 -18.76 -0.62
C4B HEM J . -7.62 -18.11 -0.10
CMB HEM J . -3.95 -18.23 -0.95
CAB HEM J . -6.30 -20.18 -1.20
CBB HEM J . -7.37 -20.88 -1.61
C1C HEM J . -10.07 -17.93 0.26
C2C HEM J . -11.43 -18.45 0.30
C3C HEM J . -12.26 -17.43 0.61
C4C HEM J . -11.44 -16.24 0.76
CMC HEM J . -11.76 -19.92 0.04
CAC HEM J . -13.81 -17.40 0.77
CBC HEM J . -14.62 -18.39 0.39
C1D HEM J . -11.11 -13.95 1.61
C2D HEM J . -11.66 -12.78 2.24
C3D HEM J . -10.47 -11.97 2.73
C4D HEM J . -9.31 -12.74 2.36
CMD HEM J . -13.16 -12.42 2.38
CAD HEM J . -10.49 -10.63 3.49
CBD HEM J . -10.31 -11.06 4.95
CGD HEM J . -10.25 -9.87 5.88
O1D HEM J . -9.94 -10.09 7.08
O2D HEM J . -10.51 -8.72 5.42
NA HEM J . -6.85 -14.12 1.38
NB HEM J . -7.26 -16.84 0.32
NC HEM J . -10.14 -16.59 0.55
ND HEM J . -9.71 -13.90 1.70
FE HEM J . -8.53 -15.35 0.93
N1 H4B K . -2.40 -6.41 3.99
C2 H4B K . -2.78 -7.66 4.35
N2 H4B K . -2.67 -8.67 3.44
N3 H4B K . -3.26 -7.92 5.59
C4 H4B K . -3.38 -6.91 6.49
O4 H4B K . -3.84 -7.14 7.63
C4A H4B K . -3.01 -5.63 6.13
C8A H4B K . -2.51 -5.38 4.86
N5 H4B K . -3.13 -4.59 7.00
N8 H4B K . -2.15 -4.13 4.47
C6 H4B K . -3.18 -3.24 6.48
C7 H4B K . -2.13 -3.00 5.39
C9 H4B K . -3.07 -2.20 7.61
O9 H4B K . -1.90 -2.45 8.40
C10 H4B K . -2.99 -0.80 7.03
C11 H4B K . -3.08 0.25 8.13
O10 H4B K . -4.07 -0.63 6.11
N01 OLW L . -8.26 -16.20 2.94
C02 OLW L . -7.83 -15.50 4.00
N03 OLW L . -7.82 -16.41 4.96
C04 OLW L . -8.20 -17.65 4.59
C05 OLW L . -8.51 -17.50 3.25
C1' OLW L . -8.32 -9.45 10.13
N11 OLW L . -7.13 -17.16 7.02
C12 OLW L . -7.43 -16.13 6.20
N13 OLW L . -7.33 -14.84 6.62
C14 OLW L . -6.93 -14.60 7.88
C15 OLW L . -6.63 -15.65 8.72
C16 OLW L . -6.74 -16.95 8.26
C17 OLW L . -6.81 -13.20 8.43
C18 OLW L . -7.94 -12.36 7.88
N19 OLW L . -7.78 -10.98 8.36
C2' OLW L . -9.57 -9.17 10.67
C20 OLW L . -7.93 -10.89 9.83
C3' OLW L . -9.92 -7.84 10.93
C4' OLW L . -9.05 -6.80 10.61
C5' OLW L . -7.81 -7.09 10.06
C6' OLW L . -7.45 -8.40 9.80
C7' OLW L . -11.07 -7.49 11.41
N8' OLW L . -12.14 -7.30 11.81
C ACT M . -2.66 -19.82 -5.33
O ACT M . -2.21 -20.80 -4.71
OXT ACT M . -2.05 -19.30 -6.29
CH3 ACT M . -4.05 -19.35 -5.02
O1 MTL N . -8.85 -11.72 21.09
C1 MTL N . -9.91 -11.35 20.19
C2 MTL N . -9.38 -10.90 18.82
O2 MTL N . -8.62 -11.96 18.22
C3 MTL N . -10.52 -10.45 17.91
O3 MTL N . -11.23 -9.38 18.56
C4 MTL N . -10.08 -9.98 16.52
O4 MTL N . -9.23 -8.82 16.63
C5 MTL N . -11.29 -9.60 15.67
O5 MTL N . -12.31 -10.61 15.69
C6 MTL N . -10.91 -9.27 14.21
O6 MTL N . -9.93 -10.19 13.73
C1 GOL O . -3.53 -6.05 12.27
O1 GOL O . -2.26 -5.73 12.76
C2 GOL O . -3.57 -5.70 10.79
O2 GOL O . -3.03 -6.77 10.01
C3 GOL O . -5.01 -5.45 10.37
O3 GOL O . -5.04 -4.83 9.10
#